data_2WAS
#
_entry.id   2WAS
#
_cell.length_a   81.120
_cell.length_b   55.758
_cell.length_c   81.004
_cell.angle_alpha   90.00
_cell.angle_beta   111.43
_cell.angle_gamma   90.00
#
_symmetry.space_group_name_H-M   'P 1 21 1'
#
loop_
_entity.id
_entity.type
_entity.pdbx_description
1 polymer '3-OXOACYL-[ACYL-CARRIER-PROTEIN] SYNTHASE'
2 polymer '3-OXOACYL-[ACYL-CARRIER-PROTEIN] SYNTHASE'
3 water water
#
loop_
_entity_poly.entity_id
_entity_poly.type
_entity_poly.pdbx_seq_one_letter_code
_entity_poly.pdbx_strand_id
1 'polypeptide(L)'
;NGGVGVDVELITSINVENDTFIERNFTPQEIEYCSAQPSVQSSFAGTWSAKEAVFKSLGVKSLGGGAALKDIEIVRVNKN
APAVELHGNAKKAAEEAGVTDVKVSISHDDLQAVAVAVSTKK
;
A,D,E
2 'polypeptide(L)'
;NGGVGVDVELITSINVENDTFIERNFTPQEIEYCSAQPSVQSSFAGTWSAKEAVFKSLGVKSLGGGAALKDIEIVRTNKN
APAVELHGNAKKAAEEAGVTDVKVSISHDDLQAVAVAVSTKK
;
B,C,F
#
# COMPACT_ATOMS: atom_id res chain seq x y z
N GLY A 2 32.97 3.36 4.14
CA GLY A 2 31.79 2.60 3.72
C GLY A 2 30.77 2.28 4.82
N GLY A 3 29.49 2.49 4.52
CA GLY A 3 28.35 2.14 5.37
C GLY A 3 27.05 2.68 4.81
N VAL A 4 26.04 1.82 4.70
CA VAL A 4 24.71 2.24 4.22
C VAL A 4 23.61 1.63 5.08
N GLY A 5 22.54 2.38 5.33
CA GLY A 5 21.41 1.86 6.04
C GLY A 5 20.10 2.32 5.43
N VAL A 6 19.11 1.45 5.41
CA VAL A 6 17.79 1.84 4.95
C VAL A 6 16.76 1.34 5.95
N ASP A 7 15.69 2.11 6.15
CA ASP A 7 14.61 1.69 7.00
C ASP A 7 13.29 2.21 6.47
N VAL A 8 12.29 1.33 6.45
CA VAL A 8 10.95 1.64 5.96
C VAL A 8 9.99 1.32 7.11
N GLU A 9 9.04 2.23 7.37
CA GLU A 9 8.04 2.07 8.42
C GLU A 9 6.65 2.43 7.90
N LEU A 10 5.65 1.71 8.39
CA LEU A 10 4.27 2.07 8.12
C LEU A 10 3.99 3.32 8.96
N ILE A 11 3.22 4.25 8.44
CA ILE A 11 2.94 5.47 9.19
C ILE A 11 2.28 5.12 10.52
N THR A 12 1.44 4.10 10.51
CA THR A 12 0.68 3.75 11.69
C THR A 12 1.48 2.97 12.74
N SER A 13 2.76 2.73 12.49
CA SER A 13 3.61 2.10 13.50
C SER A 13 3.93 3.07 14.65
N ILE A 14 3.74 4.36 14.42
CA ILE A 14 3.95 5.31 15.48
C ILE A 14 2.63 5.69 16.09
N ASN A 15 2.46 5.33 17.36
CA ASN A 15 1.33 5.80 18.13
C ASN A 15 1.73 7.07 18.84
N VAL A 16 1.20 8.20 18.38
CA VAL A 16 1.59 9.49 18.92
C VAL A 16 1.07 9.66 20.33
N GLU A 17 -0.02 8.95 20.63
CA GLU A 17 -0.69 8.93 21.94
C GLU A 17 0.10 8.23 23.05
N ASN A 18 0.75 7.14 22.69
CA ASN A 18 1.64 6.43 23.61
C ASN A 18 2.84 7.30 24.05
N ASP A 19 2.63 8.09 25.10
CA ASP A 19 3.66 8.99 25.65
C ASP A 19 4.90 8.22 26.11
N THR A 20 4.67 7.02 26.64
CA THR A 20 5.75 6.21 27.19
C THR A 20 6.76 5.90 26.10
N PHE A 21 6.26 5.36 25.00
CA PHE A 21 7.09 4.96 23.88
C PHE A 21 7.80 6.15 23.23
N ILE A 22 7.05 7.21 22.97
CA ILE A 22 7.59 8.42 22.36
C ILE A 22 8.74 8.91 23.23
N GLU A 23 8.46 9.03 24.52
CA GLU A 23 9.40 9.64 25.44
C GLU A 23 10.64 8.77 25.62
N ARG A 24 10.49 7.48 25.34
CA ARG A 24 11.57 6.51 25.53
C ARG A 24 12.49 6.48 24.34
N ASN A 25 12.02 6.96 23.20
CA ASN A 25 12.74 6.74 21.96
C ASN A 25 13.13 8.02 21.26
N PHE A 26 12.50 9.10 21.64
CA PHE A 26 12.78 10.39 21.03
C PHE A 26 13.31 11.38 22.05
N THR A 27 14.33 12.14 21.65
CA THR A 27 14.81 13.27 22.44
C THR A 27 13.78 14.40 22.44
N PRO A 28 13.83 15.25 23.46
CA PRO A 28 12.91 16.37 23.54
C PRO A 28 12.86 17.23 22.27
N GLN A 29 13.99 17.48 21.61
CA GLN A 29 13.94 18.40 20.47
C GLN A 29 13.30 17.68 19.31
N GLU A 30 13.55 16.37 19.23
CA GLU A 30 12.92 15.53 18.21
C GLU A 30 11.43 15.63 18.37
N ILE A 31 10.94 15.33 19.58
CA ILE A 31 9.50 15.41 19.89
C ILE A 31 8.86 16.76 19.57
N GLU A 32 9.58 17.83 19.87
CA GLU A 32 9.11 19.17 19.58
C GLU A 32 8.99 19.42 18.08
N TYR A 33 9.96 18.92 17.33
CA TYR A 33 9.94 19.09 15.89
C TYR A 33 8.75 18.39 15.26
N CYS A 34 8.58 17.12 15.61
CA CYS A 34 7.56 16.27 15.01
C CYS A 34 6.20 16.85 15.33
N SER A 35 6.03 17.27 16.58
CA SER A 35 4.78 17.87 17.03
C SER A 35 4.37 19.13 16.25
N ALA A 36 5.36 19.85 15.74
CA ALA A 36 5.13 21.10 15.03
C ALA A 36 4.85 20.89 13.56
N GLN A 37 4.76 19.64 13.14
CA GLN A 37 4.59 19.33 11.72
C GLN A 37 3.12 19.15 11.34
N PRO A 38 2.79 19.35 10.06
CA PRO A 38 1.43 19.18 9.53
C PRO A 38 0.89 17.79 9.85
N SER A 39 1.71 16.77 9.66
CA SER A 39 1.32 15.41 10.04
C SER A 39 2.26 14.86 11.10
N VAL A 40 1.82 14.88 12.35
CA VAL A 40 2.70 14.53 13.45
C VAL A 40 3.13 13.05 13.43
N GLN A 41 2.19 12.17 13.13
CA GLN A 41 2.45 10.74 13.08
C GLN A 41 3.41 10.38 11.95
N SER A 42 3.21 10.97 10.78
CA SER A 42 4.17 10.84 9.68
C SER A 42 5.56 11.32 10.08
N SER A 43 5.61 12.47 10.76
CA SER A 43 6.89 13.03 11.19
C SER A 43 7.65 12.11 12.13
N PHE A 44 6.96 11.55 13.11
CA PHE A 44 7.56 10.59 14.03
C PHE A 44 7.99 9.31 13.30
N ALA A 45 7.18 8.84 12.36
CA ALA A 45 7.51 7.65 11.59
C ALA A 45 8.76 7.90 10.75
N GLY A 46 8.88 9.12 10.25
CA GLY A 46 10.09 9.50 9.51
C GLY A 46 11.38 9.57 10.32
N THR A 47 11.33 10.25 11.46
CA THR A 47 12.45 10.32 12.39
C THR A 47 12.83 8.93 12.92
N TRP A 48 11.84 8.08 13.15
CA TRP A 48 12.09 6.71 13.58
C TRP A 48 12.85 5.92 12.50
N SER A 49 12.44 6.05 11.25
CA SER A 49 13.12 5.40 10.12
C SER A 49 14.56 5.88 10.05
N ALA A 50 14.75 7.18 10.30
CA ALA A 50 16.08 7.78 10.28
C ALA A 50 16.99 7.15 11.33
N LYS A 51 16.49 7.04 12.56
CA LYS A 51 17.27 6.43 13.64
C LYS A 51 17.67 4.99 13.27
N GLU A 52 16.70 4.23 12.78
CA GLU A 52 16.97 2.86 12.36
C GLU A 52 17.99 2.78 11.23
N ALA A 53 17.79 3.60 10.21
CA ALA A 53 18.71 3.65 9.08
C ALA A 53 20.11 3.97 9.53
N VAL A 54 20.25 4.95 10.42
CA VAL A 54 21.55 5.39 10.91
C VAL A 54 22.27 4.27 11.67
N PHE A 55 21.56 3.65 12.61
CA PHE A 55 22.12 2.55 13.36
C PHE A 55 22.67 1.47 12.41
N LYS A 56 21.89 1.15 11.38
CA LYS A 56 22.28 0.16 10.36
C LYS A 56 23.57 0.51 9.62
N SER A 57 23.74 1.79 9.31
CA SER A 57 24.90 2.27 8.58
C SER A 57 26.17 2.19 9.43
N LEU A 58 26.00 2.16 10.75
CA LEU A 58 27.13 2.03 11.64
C LEU A 58 27.71 0.61 11.56
N GLY A 59 26.84 -0.39 11.44
CA GLY A 59 27.27 -1.77 11.28
C GLY A 59 27.98 -2.20 12.54
N VAL A 60 27.21 -2.38 13.61
CA VAL A 60 27.75 -2.62 14.94
C VAL A 60 26.97 -3.72 15.68
N ALA A 68 16.81 0.96 23.51
CA ALA A 68 16.26 2.26 23.14
C ALA A 68 17.13 3.03 22.14
N LEU A 69 16.46 3.76 21.24
CA LEU A 69 17.11 4.51 20.16
C LEU A 69 17.19 6.01 20.42
N LYS A 70 17.06 6.41 21.69
CA LYS A 70 17.16 7.82 22.00
C LYS A 70 18.62 8.29 21.84
N ASP A 71 19.56 7.34 21.85
CA ASP A 71 20.99 7.59 21.60
C ASP A 71 21.22 8.27 20.25
N ILE A 72 20.46 7.84 19.25
CA ILE A 72 20.63 8.35 17.89
C ILE A 72 19.66 9.49 17.71
N GLU A 73 20.17 10.71 17.67
CA GLU A 73 19.30 11.87 17.57
C GLU A 73 19.36 12.52 16.19
N ILE A 74 18.17 12.79 15.64
CA ILE A 74 18.02 13.41 14.33
C ILE A 74 17.59 14.84 14.54
N VAL A 75 18.41 15.75 14.06
CA VAL A 75 18.08 17.13 14.30
C VAL A 75 17.60 17.76 13.00
N ARG A 76 16.27 17.89 12.87
CA ARG A 76 15.69 18.34 11.63
C ARG A 76 15.20 19.76 11.73
N VAL A 77 15.45 20.52 10.66
CA VAL A 77 14.82 21.81 10.45
C VAL A 77 14.30 21.77 9.02
N ASN A 78 12.98 21.88 8.86
CA ASN A 78 12.38 21.94 7.53
C ASN A 78 13.21 22.83 6.64
N LYS A 79 13.30 22.45 5.37
CA LYS A 79 14.08 23.20 4.38
C LYS A 79 15.61 23.11 4.57
N ASN A 80 16.05 22.25 5.49
CA ASN A 80 17.48 21.95 5.68
C ASN A 80 17.75 20.51 6.10
N ALA A 81 18.56 19.80 5.30
CA ALA A 81 18.89 18.39 5.54
C ALA A 81 19.02 18.06 7.03
N PRO A 82 18.47 16.90 7.44
CA PRO A 82 18.55 16.48 8.84
C PRO A 82 20.00 16.28 9.21
N ALA A 83 20.30 16.36 10.51
CA ALA A 83 21.64 16.09 10.97
C ALA A 83 21.58 14.96 11.97
N VAL A 84 22.57 14.09 11.93
CA VAL A 84 22.68 13.00 12.88
C VAL A 84 23.64 13.42 13.98
N GLU A 85 23.24 13.23 15.23
CA GLU A 85 24.13 13.45 16.37
C GLU A 85 24.05 12.28 17.32
N LEU A 86 25.15 11.56 17.48
CA LEU A 86 25.15 10.35 18.29
C LEU A 86 25.52 10.60 19.75
N HIS A 87 25.02 9.75 20.62
CA HIS A 87 25.23 9.88 22.05
C HIS A 87 25.43 8.50 22.67
N GLY A 88 25.89 8.48 23.92
CA GLY A 88 26.01 7.25 24.69
C GLY A 88 26.71 6.11 23.98
N ASN A 89 26.15 4.91 24.08
CA ASN A 89 26.72 3.73 23.44
C ASN A 89 26.84 3.92 21.95
N ALA A 90 25.80 4.50 21.36
CA ALA A 90 25.79 4.79 19.93
C ALA A 90 27.08 5.50 19.52
N LYS A 91 27.44 6.52 20.29
CA LYS A 91 28.61 7.31 19.96
C LYS A 91 29.91 6.52 20.07
N LYS A 92 30.05 5.77 21.16
CA LYS A 92 31.26 4.98 21.41
C LYS A 92 31.49 3.95 20.32
N ALA A 93 30.46 3.14 20.10
CA ALA A 93 30.51 2.08 19.11
C ALA A 93 30.78 2.64 17.71
N ALA A 94 30.42 3.90 17.48
CA ALA A 94 30.67 4.53 16.20
C ALA A 94 32.15 4.93 16.05
N GLU A 95 32.70 5.54 17.09
CA GLU A 95 34.12 5.88 17.11
C GLU A 95 34.91 4.58 17.12
N GLU A 96 34.37 3.63 17.86
CA GLU A 96 34.98 2.32 18.02
C GLU A 96 34.96 1.52 16.72
N ALA A 97 34.25 2.03 15.71
CA ALA A 97 34.22 1.37 14.41
C ALA A 97 34.92 2.23 13.38
N GLY A 98 35.32 3.42 13.80
CA GLY A 98 36.06 4.35 12.96
C GLY A 98 35.17 5.24 12.13
N VAL A 99 33.89 5.29 12.51
CA VAL A 99 32.88 6.07 11.78
C VAL A 99 33.06 7.56 12.04
N THR A 100 33.40 8.30 11.00
CA THR A 100 33.76 9.71 11.10
C THR A 100 32.58 10.66 10.82
N ASP A 101 31.55 10.15 10.13
CA ASP A 101 30.37 10.95 9.83
C ASP A 101 29.20 10.09 9.33
N VAL A 102 27.99 10.52 9.67
CA VAL A 102 26.77 9.87 9.20
C VAL A 102 25.83 10.93 8.63
N LYS A 103 25.30 10.66 7.44
CA LYS A 103 24.32 11.53 6.82
C LYS A 103 23.03 10.74 6.68
N VAL A 104 21.91 11.45 6.68
CA VAL A 104 20.62 10.79 6.60
C VAL A 104 19.67 11.63 5.75
N SER A 105 18.80 10.96 5.00
CA SER A 105 17.68 11.61 4.34
C SER A 105 16.38 10.87 4.62
N ILE A 106 15.28 11.60 4.68
CA ILE A 106 13.97 11.05 5.12
C ILE A 106 12.87 11.43 4.16
N SER A 107 11.91 10.53 3.94
CA SER A 107 10.77 10.86 3.08
C SER A 107 9.61 10.02 3.51
N HIS A 108 8.42 10.48 3.19
CA HIS A 108 7.22 9.66 3.39
C HIS A 108 6.14 10.02 2.38
N ASP A 109 5.18 9.11 2.21
CA ASP A 109 3.95 9.42 1.51
C ASP A 109 2.81 9.02 2.42
N ASP A 110 1.62 8.80 1.87
CA ASP A 110 0.47 8.37 2.68
C ASP A 110 0.64 7.02 3.35
N LEU A 111 1.46 6.16 2.75
CA LEU A 111 1.53 4.78 3.15
C LEU A 111 2.68 4.46 4.08
N GLN A 112 3.80 5.13 3.88
CA GLN A 112 4.99 4.74 4.61
C GLN A 112 6.06 5.81 4.61
N ALA A 113 7.03 5.62 5.49
CA ALA A 113 8.19 6.49 5.51
C ALA A 113 9.41 5.68 5.15
N VAL A 114 10.38 6.33 4.53
N VAL A 114 10.40 6.31 4.53
CA VAL A 114 11.65 5.68 4.19
CA VAL A 114 11.66 5.66 4.18
C VAL A 114 12.79 6.58 4.62
C VAL A 114 12.79 6.57 4.62
N ALA A 115 13.87 5.98 5.09
CA ALA A 115 15.08 6.74 5.38
C ALA A 115 16.29 5.98 4.89
N VAL A 116 17.27 6.70 4.37
CA VAL A 116 18.52 6.12 3.92
C VAL A 116 19.66 6.89 4.59
N ALA A 117 20.62 6.15 5.11
CA ALA A 117 21.80 6.75 5.73
C ALA A 117 23.05 6.18 5.11
N VAL A 118 24.07 7.02 5.00
CA VAL A 118 25.41 6.58 4.60
C VAL A 118 26.46 6.98 5.66
N SER A 119 27.34 6.05 6.03
CA SER A 119 28.38 6.35 7.01
C SER A 119 29.78 6.39 6.37
N THR A 120 30.67 7.18 6.98
CA THR A 120 32.03 7.36 6.51
C THR A 120 33.03 6.81 7.53
N LYS A 121 34.11 6.18 7.07
CA LYS A 121 35.23 5.84 7.96
C LYS A 121 36.58 6.30 7.35
N GLY B 2 31.90 5.78 -6.72
CA GLY B 2 30.49 6.09 -6.93
C GLY B 2 29.66 5.06 -7.70
N GLY B 3 28.61 4.58 -7.04
CA GLY B 3 27.59 3.69 -7.59
C GLY B 3 26.48 3.58 -6.55
N VAL B 4 25.22 3.69 -6.99
CA VAL B 4 24.09 3.52 -6.08
C VAL B 4 22.99 2.71 -6.75
N GLY B 5 22.30 1.88 -5.98
CA GLY B 5 21.19 1.11 -6.53
C GLY B 5 20.08 1.02 -5.53
N VAL B 6 18.83 1.09 -6.00
CA VAL B 6 17.68 0.92 -5.11
C VAL B 6 16.72 -0.07 -5.75
N ASP B 7 16.07 -0.88 -4.92
CA ASP B 7 15.03 -1.79 -5.41
C ASP B 7 13.91 -1.94 -4.37
N VAL B 8 12.67 -1.86 -4.84
CA VAL B 8 11.50 -1.97 -4.01
C VAL B 8 10.66 -3.14 -4.60
N GLU B 9 10.18 -4.03 -3.74
CA GLU B 9 9.40 -5.21 -4.17
C GLU B 9 8.16 -5.37 -3.31
N LEU B 10 7.05 -5.81 -3.91
CA LEU B 10 5.84 -6.07 -3.15
C LEU B 10 6.14 -7.36 -2.44
N ILE B 11 5.65 -7.55 -1.22
CA ILE B 11 5.98 -8.76 -0.47
C ILE B 11 5.47 -10.00 -1.19
N THR B 12 4.35 -9.85 -1.86
CA THR B 12 3.72 -10.97 -2.55
C THR B 12 4.35 -11.31 -3.92
N SER B 13 5.41 -10.62 -4.29
CA SER B 13 6.13 -10.94 -5.52
C SER B 13 6.97 -12.20 -5.34
N ILE B 14 7.19 -12.61 -4.09
CA ILE B 14 7.93 -13.84 -3.86
C ILE B 14 6.98 -14.95 -3.52
N ASN B 15 6.91 -15.95 -4.39
CA ASN B 15 6.17 -17.15 -4.09
C ASN B 15 7.10 -18.16 -3.44
N VAL B 16 6.92 -18.39 -2.15
CA VAL B 16 7.81 -19.23 -1.39
C VAL B 16 7.63 -20.70 -1.69
N GLU B 17 6.38 -21.10 -1.94
CA GLU B 17 6.07 -22.50 -2.22
C GLU B 17 6.94 -23.04 -3.37
N ASN B 18 7.01 -22.25 -4.43
CA ASN B 18 7.81 -22.57 -5.62
C ASN B 18 9.30 -22.87 -5.31
N ASP B 19 9.59 -24.13 -5.00
CA ASP B 19 10.93 -24.59 -4.68
C ASP B 19 11.92 -24.38 -5.82
N THR B 20 11.43 -24.53 -7.05
CA THR B 20 12.27 -24.44 -8.23
C THR B 20 12.87 -23.05 -8.36
N PHE B 21 12.01 -22.05 -8.27
CA PHE B 21 12.40 -20.65 -8.36
C PHE B 21 13.31 -20.20 -7.21
N ILE B 22 12.91 -20.51 -5.98
CA ILE B 22 13.71 -20.20 -4.80
C ILE B 22 15.15 -20.77 -4.95
N GLU B 23 15.23 -22.05 -5.19
CA GLU B 23 16.49 -22.76 -5.16
C GLU B 23 17.31 -22.26 -6.32
N ARG B 24 16.63 -21.72 -7.30
CA ARG B 24 17.26 -21.34 -8.56
C ARG B 24 17.94 -20.00 -8.42
N ASN B 25 17.42 -19.17 -7.53
CA ASN B 25 17.81 -17.77 -7.42
C ASN B 25 18.48 -17.40 -6.12
N PHE B 26 18.39 -18.29 -5.14
CA PHE B 26 18.98 -18.05 -3.84
C PHE B 26 20.02 -19.12 -3.50
N THR B 27 21.14 -18.69 -2.92
CA THR B 27 22.16 -19.61 -2.42
C THR B 27 21.62 -20.27 -1.17
N PRO B 28 22.16 -21.43 -0.83
CA PRO B 28 21.79 -22.12 0.40
C PRO B 28 21.89 -21.28 1.67
N GLN B 29 22.95 -20.50 1.85
CA GLN B 29 22.99 -19.71 3.09
C GLN B 29 21.86 -18.68 3.10
N GLU B 30 21.45 -18.23 1.92
CA GLU B 30 20.36 -17.26 1.81
C GLU B 30 19.03 -17.88 2.18
N ILE B 31 18.71 -19.01 1.55
CA ILE B 31 17.47 -19.75 1.80
C ILE B 31 17.30 -20.16 3.27
N GLU B 32 18.40 -20.59 3.89
CA GLU B 32 18.37 -20.96 5.29
C GLU B 32 18.10 -19.76 6.19
N TYR B 33 18.63 -18.62 5.81
CA TYR B 33 18.44 -17.42 6.59
C TYR B 33 17.00 -16.99 6.57
N CYS B 34 16.44 -16.90 5.37
CA CYS B 34 15.08 -16.40 5.16
C CYS B 34 14.05 -17.32 5.81
N SER B 35 14.31 -18.62 5.72
CA SER B 35 13.44 -19.64 6.30
C SER B 35 13.36 -19.54 7.82
N ALA B 36 14.43 -19.04 8.44
CA ALA B 36 14.52 -18.92 9.88
C ALA B 36 13.86 -17.64 10.41
N GLN B 37 13.32 -16.82 9.52
CA GLN B 37 12.79 -15.52 9.93
C GLN B 37 11.32 -15.61 10.30
N PRO B 38 10.85 -14.65 11.11
CA PRO B 38 9.46 -14.58 11.53
C PRO B 38 8.50 -14.54 10.33
N SER B 39 8.84 -13.74 9.32
CA SER B 39 8.09 -13.72 8.07
C SER B 39 8.98 -14.15 6.90
N VAL B 40 8.83 -15.39 6.48
CA VAL B 40 9.73 -15.96 5.50
C VAL B 40 9.59 -15.25 4.14
N GLN B 41 8.35 -14.99 3.74
CA GLN B 41 8.10 -14.34 2.47
C GLN B 41 8.68 -12.91 2.44
N SER B 42 8.51 -12.17 3.53
CA SER B 42 9.09 -10.84 3.66
C SER B 42 10.58 -10.93 3.55
N SER B 43 11.14 -11.95 4.20
CA SER B 43 12.59 -12.10 4.22
C SER B 43 13.17 -12.34 2.81
N PHE B 44 12.52 -13.22 2.03
CA PHE B 44 12.92 -13.48 0.64
C PHE B 44 12.76 -12.26 -0.27
N ALA B 45 11.66 -11.52 -0.06
CA ALA B 45 11.40 -10.28 -0.77
C ALA B 45 12.47 -9.24 -0.52
N GLY B 46 12.96 -9.18 0.71
CA GLY B 46 14.03 -8.29 1.09
C GLY B 46 15.37 -8.67 0.48
N THR B 47 15.73 -9.94 0.54
CA THR B 47 16.96 -10.42 -0.05
C THR B 47 16.92 -10.26 -1.57
N TRP B 48 15.75 -10.49 -2.14
CA TRP B 48 15.61 -10.28 -3.56
C TRP B 48 15.86 -8.81 -3.95
N SER B 49 15.26 -7.88 -3.21
CA SER B 49 15.48 -6.44 -3.43
C SER B 49 16.96 -6.09 -3.36
N ALA B 50 17.66 -6.73 -2.41
CA ALA B 50 19.08 -6.48 -2.17
C ALA B 50 19.88 -6.92 -3.39
N LYS B 51 19.58 -8.10 -3.91
CA LYS B 51 20.27 -8.60 -5.09
C LYS B 51 20.11 -7.65 -6.27
N GLU B 52 18.89 -7.15 -6.46
CA GLU B 52 18.56 -6.24 -7.55
C GLU B 52 19.24 -4.89 -7.38
N ALA B 53 19.10 -4.34 -6.18
CA ALA B 53 19.80 -3.11 -5.81
C ALA B 53 21.31 -3.20 -6.03
N VAL B 54 21.93 -4.28 -5.57
CA VAL B 54 23.35 -4.49 -5.79
C VAL B 54 23.71 -4.52 -7.27
N PHE B 55 23.03 -5.36 -8.04
CA PHE B 55 23.31 -5.42 -9.47
C PHE B 55 23.23 -4.03 -10.11
N LYS B 56 22.21 -3.27 -9.71
CA LYS B 56 22.01 -1.93 -10.24
C LYS B 56 23.18 -0.99 -9.95
N SER B 57 23.71 -1.09 -8.71
CA SER B 57 24.82 -0.26 -8.28
C SER B 57 26.10 -0.59 -9.06
N LEU B 58 26.15 -1.78 -9.65
CA LEU B 58 27.31 -2.17 -10.45
C LEU B 58 27.31 -1.38 -11.76
N GLY B 59 26.12 -1.15 -12.31
CA GLY B 59 25.99 -0.42 -13.56
C GLY B 59 26.69 -1.18 -14.66
N VAL B 60 26.11 -2.30 -15.06
CA VAL B 60 26.75 -3.18 -16.03
C VAL B 60 25.73 -3.63 -17.07
N LYS B 61 26.20 -4.23 -18.14
CA LYS B 61 25.26 -4.77 -19.11
C LYS B 61 24.12 -5.44 -18.32
N SER B 62 22.92 -4.90 -18.51
CA SER B 62 21.71 -5.27 -17.76
C SER B 62 21.46 -6.77 -17.79
N LEU B 63 20.44 -7.23 -17.08
CA LEU B 63 20.16 -8.66 -17.00
C LEU B 63 18.93 -9.08 -17.82
N GLY B 64 18.34 -10.22 -17.49
CA GLY B 64 17.06 -10.60 -18.06
C GLY B 64 16.74 -12.09 -18.15
N GLY B 65 15.46 -12.43 -17.98
CA GLY B 65 14.99 -13.80 -18.09
C GLY B 65 15.62 -14.47 -19.29
N GLY B 66 16.07 -15.72 -19.14
CA GLY B 66 16.01 -16.42 -17.87
C GLY B 66 17.33 -16.37 -17.11
N ALA B 67 17.93 -15.18 -17.09
CA ALA B 67 19.07 -14.90 -16.22
C ALA B 67 18.67 -14.96 -14.75
N ALA B 68 19.58 -15.47 -13.95
CA ALA B 68 19.37 -15.75 -12.54
C ALA B 68 20.28 -14.88 -11.67
N LEU B 69 19.81 -14.61 -10.45
CA LEU B 69 20.49 -13.70 -9.54
C LEU B 69 21.19 -14.43 -8.41
N LYS B 70 21.42 -15.73 -8.58
CA LYS B 70 22.08 -16.50 -7.52
C LYS B 70 23.55 -16.09 -7.37
N ASP B 71 24.03 -15.49 -8.45
CA ASP B 71 25.32 -14.85 -8.57
C ASP B 71 25.62 -13.90 -7.42
N ILE B 72 24.61 -13.09 -7.10
CA ILE B 72 24.72 -12.03 -6.13
C ILE B 72 24.21 -12.54 -4.80
N GLU B 73 25.13 -12.84 -3.90
CA GLU B 73 24.74 -13.42 -2.63
C GLU B 73 24.78 -12.42 -1.47
N ILE B 74 23.71 -12.43 -0.69
CA ILE B 74 23.63 -11.56 0.48
C ILE B 74 23.89 -12.45 1.67
N VAL B 75 25.00 -12.20 2.37
CA VAL B 75 25.36 -12.97 3.55
C VAL B 75 25.04 -12.21 4.84
N ARG B 76 23.96 -12.64 5.49
CA ARG B 76 23.44 -12.04 6.70
C ARG B 76 23.72 -13.09 7.75
N THR B 77 24.84 -12.94 8.47
CA THR B 77 25.30 -13.98 9.39
C THR B 77 25.27 -13.56 10.87
N ASN B 80 24.34 -9.09 12.92
CA ASN B 80 25.33 -8.97 11.86
C ASN B 80 24.84 -8.30 10.57
N ALA B 81 25.42 -7.14 10.27
CA ALA B 81 25.17 -6.45 8.98
C ALA B 81 25.35 -7.36 7.75
N PRO B 82 24.50 -7.14 6.72
CA PRO B 82 24.49 -7.93 5.49
C PRO B 82 25.83 -7.83 4.80
N ALA B 83 26.12 -8.80 3.96
CA ALA B 83 27.32 -8.70 3.19
C ALA B 83 27.03 -9.17 1.77
N VAL B 84 27.64 -8.50 0.80
CA VAL B 84 27.47 -8.91 -0.58
C VAL B 84 28.68 -9.74 -0.98
N GLU B 85 28.44 -10.91 -1.57
CA GLU B 85 29.50 -11.71 -2.16
C GLU B 85 29.13 -12.09 -3.58
N LEU B 86 29.92 -11.61 -4.53
CA LEU B 86 29.66 -11.88 -5.95
C LEU B 86 30.31 -13.15 -6.50
N HIS B 87 29.67 -13.74 -7.49
CA HIS B 87 30.16 -14.97 -8.11
C HIS B 87 29.98 -14.93 -9.63
N GLY B 88 30.57 -15.89 -10.33
CA GLY B 88 30.35 -16.05 -11.75
C GLY B 88 30.47 -14.77 -12.55
N ASN B 89 29.53 -14.56 -13.48
CA ASN B 89 29.57 -13.38 -14.34
C ASN B 89 29.52 -12.10 -13.53
N ALA B 90 28.64 -12.09 -12.53
CA ALA B 90 28.52 -10.98 -11.61
C ALA B 90 29.89 -10.51 -11.14
N LYS B 91 30.72 -11.46 -10.73
CA LYS B 91 32.03 -11.16 -10.19
C LYS B 91 32.98 -10.58 -11.24
N LYS B 92 32.99 -11.18 -12.42
CA LYS B 92 33.89 -10.73 -13.50
C LYS B 92 33.56 -9.32 -13.93
N ALA B 93 32.28 -9.11 -14.24
CA ALA B 93 31.79 -7.81 -14.69
C ALA B 93 32.00 -6.73 -13.64
N ALA B 94 32.08 -7.11 -12.38
CA ALA B 94 32.34 -6.17 -11.31
C ALA B 94 33.82 -5.77 -11.27
N GLU B 95 34.72 -6.74 -11.37
CA GLU B 95 36.15 -6.47 -11.44
C GLU B 95 36.45 -5.75 -12.73
N GLU B 96 35.70 -6.15 -13.76
CA GLU B 96 35.83 -5.59 -15.10
C GLU B 96 35.28 -4.16 -15.19
N ALA B 97 34.68 -3.69 -14.10
CA ALA B 97 34.21 -2.32 -14.03
C ALA B 97 35.01 -1.53 -12.99
N GLY B 98 35.88 -2.23 -12.27
CA GLY B 98 36.73 -1.60 -11.27
C GLY B 98 36.05 -1.49 -9.92
N VAL B 99 34.97 -2.25 -9.75
CA VAL B 99 34.21 -2.25 -8.51
C VAL B 99 34.94 -3.02 -7.41
N THR B 100 35.35 -2.28 -6.37
CA THR B 100 36.19 -2.81 -5.30
C THR B 100 35.41 -3.23 -4.07
N ASP B 101 34.18 -2.72 -3.91
CA ASP B 101 33.33 -3.15 -2.81
C ASP B 101 31.87 -2.78 -3.03
N VAL B 102 30.97 -3.62 -2.54
CA VAL B 102 29.54 -3.33 -2.57
C VAL B 102 28.94 -3.49 -1.16
N LYS B 103 28.18 -2.50 -0.72
CA LYS B 103 27.48 -2.56 0.55
C LYS B 103 25.99 -2.49 0.29
N VAL B 104 25.20 -3.14 1.14
CA VAL B 104 23.76 -3.22 0.93
C VAL B 104 23.04 -3.11 2.27
N SER B 105 21.89 -2.43 2.28
CA SER B 105 21.00 -2.48 3.43
C SER B 105 19.58 -2.83 2.95
N ILE B 106 18.82 -3.51 3.80
CA ILE B 106 17.51 -4.04 3.45
C ILE B 106 16.49 -3.66 4.51
N SER B 107 15.26 -3.37 4.07
CA SER B 107 14.16 -3.14 5.01
C SER B 107 12.82 -3.54 4.40
N HIS B 108 11.83 -3.82 5.24
CA HIS B 108 10.49 -4.04 4.73
C HIS B 108 9.46 -3.65 5.79
N ASP B 109 8.23 -3.46 5.34
CA ASP B 109 7.09 -3.33 6.23
C ASP B 109 6.03 -4.30 5.70
N ASP B 110 4.76 -4.10 6.06
CA ASP B 110 3.67 -4.95 5.57
C ASP B 110 3.45 -4.92 4.08
N LEU B 111 3.81 -3.82 3.46
CA LEU B 111 3.49 -3.61 2.06
C LEU B 111 4.60 -4.06 1.11
N GLN B 112 5.84 -3.75 1.48
CA GLN B 112 6.91 -3.85 0.52
C GLN B 112 8.27 -3.91 1.17
N ALA B 113 9.24 -4.33 0.35
CA ALA B 113 10.63 -4.38 0.77
C ALA B 113 11.42 -3.37 -0.05
N VAL B 114 12.43 -2.79 0.57
N VAL B 114 12.44 -2.77 0.57
CA VAL B 114 13.32 -1.86 -0.11
CA VAL B 114 13.31 -1.83 -0.12
C VAL B 114 14.74 -2.24 0.19
C VAL B 114 14.74 -2.22 0.19
N ALA B 115 15.62 -2.09 -0.79
CA ALA B 115 17.02 -2.29 -0.57
C ALA B 115 17.79 -1.19 -1.26
N VAL B 116 18.85 -0.73 -0.62
CA VAL B 116 19.75 0.26 -1.21
C VAL B 116 21.18 -0.26 -1.17
N ALA B 117 21.89 -0.15 -2.29
CA ALA B 117 23.27 -0.57 -2.38
C ALA B 117 24.12 0.59 -2.87
N VAL B 118 25.37 0.62 -2.43
CA VAL B 118 26.36 1.59 -2.93
C VAL B 118 27.63 0.85 -3.30
N SER B 119 28.19 1.16 -4.46
CA SER B 119 29.41 0.50 -4.93
C SER B 119 30.61 1.44 -4.94
N THR B 120 31.81 0.88 -4.78
CA THR B 120 33.05 1.64 -4.76
C THR B 120 33.89 1.25 -5.96
N LYS B 121 34.44 2.24 -6.65
CA LYS B 121 35.32 2.06 -7.82
C LYS B 121 36.52 2.99 -7.72
N GLY C 3 26.83 13.49 0.82
CA GLY C 3 25.43 13.86 0.62
C GLY C 3 24.56 12.71 0.17
N VAL C 4 23.39 12.55 0.80
CA VAL C 4 22.45 11.51 0.41
C VAL C 4 21.03 12.07 0.40
N GLY C 5 20.21 11.59 -0.55
CA GLY C 5 18.81 11.98 -0.59
C GLY C 5 17.93 10.82 -0.99
N VAL C 6 16.76 10.74 -0.37
CA VAL C 6 15.78 9.72 -0.74
C VAL C 6 14.41 10.38 -0.90
N ASP C 7 13.65 9.91 -1.87
CA ASP C 7 12.28 10.39 -2.05
C ASP C 7 11.36 9.25 -2.49
N VAL C 8 10.19 9.21 -1.87
CA VAL C 8 9.21 8.17 -2.16
C VAL C 8 7.91 8.89 -2.52
N GLU C 9 7.24 8.41 -3.57
CA GLU C 9 6.02 9.05 -4.10
C GLU C 9 4.98 7.99 -4.39
N LEU C 10 3.70 8.32 -4.19
CA LEU C 10 2.62 7.44 -4.61
C LEU C 10 2.53 7.65 -6.10
N ILE C 11 2.28 6.58 -6.85
CA ILE C 11 2.23 6.69 -8.30
C ILE C 11 1.19 7.72 -8.73
N THR C 12 0.09 7.77 -7.99
CA THR C 12 -1.03 8.66 -8.31
C THR C 12 -0.83 10.13 -7.92
N SER C 13 0.33 10.46 -7.37
CA SER C 13 0.67 11.86 -7.10
C SER C 13 0.98 12.64 -8.38
N ILE C 14 1.28 11.91 -9.44
CA ILE C 14 1.48 12.54 -10.74
C ILE C 14 0.20 12.46 -11.56
N ASN C 15 -0.38 13.62 -11.82
CA ASN C 15 -1.47 13.71 -12.77
C ASN C 15 -0.88 14.03 -14.14
N VAL C 16 -0.95 13.05 -15.03
CA VAL C 16 -0.33 13.19 -16.34
C VAL C 16 -1.13 14.17 -17.20
N GLU C 17 -2.41 14.37 -16.82
CA GLU C 17 -3.32 15.32 -17.49
C GLU C 17 -3.01 16.75 -17.10
N ASN C 18 -2.24 16.91 -16.05
CA ASN C 18 -1.77 18.23 -15.68
C ASN C 18 -0.57 18.65 -16.52
N ASP C 19 -0.86 19.23 -17.69
CA ASP C 19 0.16 19.65 -18.64
C ASP C 19 1.06 20.75 -18.07
N THR C 20 0.47 21.59 -17.24
CA THR C 20 1.22 22.69 -16.64
C THR C 20 2.37 22.20 -15.75
N PHE C 21 2.06 21.25 -14.89
CA PHE C 21 3.02 20.69 -13.96
C PHE C 21 4.11 19.89 -14.68
N ILE C 22 3.68 18.98 -15.54
CA ILE C 22 4.61 18.19 -16.34
C ILE C 22 5.60 19.12 -17.05
N GLU C 23 5.06 20.05 -17.82
CA GLU C 23 5.85 20.85 -18.75
C GLU C 23 6.70 21.87 -17.98
N ARG C 24 6.31 22.13 -16.74
CA ARG C 24 7.07 23.01 -15.88
C ARG C 24 8.21 22.31 -15.13
N ASN C 25 8.14 20.98 -15.02
CA ASN C 25 9.06 20.26 -14.16
C ASN C 25 9.95 19.27 -14.87
N PHE C 26 9.57 18.92 -16.08
CA PHE C 26 10.31 17.93 -16.84
C PHE C 26 10.86 18.53 -18.13
N THR C 27 12.10 18.16 -18.45
CA THR C 27 12.70 18.53 -19.72
C THR C 27 12.02 17.72 -20.82
N PRO C 28 12.05 18.21 -22.06
CA PRO C 28 11.50 17.50 -23.20
C PRO C 28 12.03 16.07 -23.36
N GLN C 29 13.33 15.84 -23.11
CA GLN C 29 13.90 14.49 -23.12
C GLN C 29 13.18 13.68 -22.07
N GLU C 30 13.05 14.24 -20.87
CA GLU C 30 12.42 13.54 -19.78
C GLU C 30 11.02 13.14 -20.17
N ILE C 31 10.22 14.11 -20.60
CA ILE C 31 8.84 13.87 -21.05
C ILE C 31 8.72 12.83 -22.17
N GLU C 32 9.63 12.88 -23.13
CA GLU C 32 9.68 11.91 -24.20
C GLU C 32 9.98 10.50 -23.70
N TYR C 33 10.88 10.41 -22.73
CA TYR C 33 11.23 9.11 -22.16
C TYR C 33 10.05 8.49 -21.46
N CYS C 34 9.42 9.26 -20.57
CA CYS C 34 8.32 8.76 -19.73
C CYS C 34 7.15 8.33 -20.59
N SER C 35 6.86 9.14 -21.60
CA SER C 35 5.79 8.87 -22.55
C SER C 35 5.97 7.56 -23.35
N ALA C 36 7.22 7.14 -23.55
CA ALA C 36 7.51 5.92 -24.31
C ALA C 36 7.48 4.67 -23.44
N GLN C 37 7.19 4.82 -22.15
CA GLN C 37 7.24 3.68 -21.24
C GLN C 37 5.90 2.96 -21.13
N PRO C 38 5.94 1.69 -20.71
CA PRO C 38 4.75 0.85 -20.53
C PRO C 38 3.74 1.51 -19.60
N SER C 39 4.22 2.06 -18.49
CA SER C 39 3.37 2.84 -17.59
C SER C 39 3.85 4.28 -17.49
N VAL C 40 3.17 5.17 -18.20
CA VAL C 40 3.64 6.54 -18.30
C VAL C 40 3.62 7.24 -16.96
N GLN C 41 2.54 7.05 -16.21
CA GLN C 41 2.39 7.67 -14.88
C GLN C 41 3.45 7.18 -13.86
N SER C 42 3.71 5.88 -13.82
CA SER C 42 4.78 5.34 -12.99
C SER C 42 6.11 5.92 -13.39
N SER C 43 6.31 6.10 -14.69
CA SER C 43 7.59 6.60 -15.19
C SER C 43 7.84 8.03 -14.71
N PHE C 44 6.83 8.89 -14.82
CA PHE C 44 6.88 10.27 -14.35
C PHE C 44 7.07 10.34 -12.86
N ALA C 45 6.41 9.45 -12.13
CA ALA C 45 6.53 9.37 -10.67
C ALA C 45 7.93 8.98 -10.26
N GLY C 46 8.55 8.11 -11.06
CA GLY C 46 9.92 7.73 -10.81
C GLY C 46 10.95 8.82 -11.10
N THR C 47 10.82 9.49 -12.22
CA THR C 47 11.69 10.61 -12.54
C THR C 47 11.49 11.73 -11.55
N TRP C 48 10.27 11.92 -11.09
CA TRP C 48 10.01 12.95 -10.09
C TRP C 48 10.72 12.63 -8.78
N SER C 49 10.64 11.37 -8.36
CA SER C 49 11.32 10.96 -7.13
C SER C 49 12.82 11.18 -7.24
N ALA C 50 13.36 10.92 -8.43
CA ALA C 50 14.78 11.09 -8.69
C ALA C 50 15.17 12.53 -8.54
N LYS C 51 14.43 13.44 -9.16
CA LYS C 51 14.74 14.85 -9.05
C LYS C 51 14.78 15.28 -7.58
N GLU C 52 13.76 14.87 -6.82
CA GLU C 52 13.68 15.19 -5.39
C GLU C 52 14.82 14.61 -4.58
N ALA C 53 15.08 13.33 -4.78
CA ALA C 53 16.22 12.66 -4.16
C ALA C 53 17.54 13.39 -4.44
N VAL C 54 17.78 13.73 -5.71
CA VAL C 54 18.99 14.43 -6.13
C VAL C 54 19.11 15.77 -5.42
N PHE C 55 18.06 16.57 -5.45
CA PHE C 55 18.07 17.85 -4.75
C PHE C 55 18.42 17.71 -3.26
N LYS C 56 17.82 16.73 -2.59
CA LYS C 56 18.19 16.49 -1.19
C LYS C 56 19.67 16.19 -0.96
N SER C 57 20.29 15.45 -1.89
CA SER C 57 21.66 15.00 -1.72
C SER C 57 22.63 16.17 -1.87
N LEU C 58 22.19 17.23 -2.54
CA LEU C 58 23.03 18.38 -2.73
C LEU C 58 23.15 19.13 -1.40
N GLY C 59 22.07 19.15 -0.64
CA GLY C 59 22.07 19.81 0.65
C GLY C 59 22.38 21.27 0.43
N VAL C 60 21.39 22.00 -0.06
CA VAL C 60 21.55 23.40 -0.39
C VAL C 60 20.35 24.25 0.04
N LEU C 69 11.67 22.27 -10.78
CA LEU C 69 12.72 21.26 -10.74
C LEU C 69 13.17 20.82 -12.13
N LYS C 70 12.88 21.64 -13.13
CA LYS C 70 13.34 21.33 -14.48
C LYS C 70 14.86 21.45 -14.57
N ASP C 71 15.46 22.18 -13.63
CA ASP C 71 16.91 22.34 -13.50
C ASP C 71 17.60 20.99 -13.36
N ILE C 72 17.00 20.10 -12.59
CA ILE C 72 17.59 18.78 -12.31
C ILE C 72 17.05 17.77 -13.31
N GLU C 73 17.87 17.40 -14.28
CA GLU C 73 17.40 16.52 -15.33
C GLU C 73 17.96 15.14 -15.20
N ILE C 74 17.08 14.15 -15.36
CA ILE C 74 17.45 12.75 -15.24
C ILE C 74 17.46 12.16 -16.65
N VAL C 75 18.61 11.63 -17.06
CA VAL C 75 18.67 11.00 -18.38
C VAL C 75 18.54 9.50 -18.26
N ARG C 76 17.47 8.99 -18.85
CA ARG C 76 17.12 7.58 -18.80
C ARG C 76 17.12 6.96 -20.20
N THR C 77 17.84 5.86 -20.32
CA THR C 77 17.65 4.95 -21.45
C THR C 77 17.63 3.52 -20.90
N ASN C 78 16.68 2.72 -21.37
CA ASN C 78 16.54 1.33 -20.93
C ASN C 78 17.83 0.50 -21.08
N LYS C 79 17.98 -0.53 -20.24
CA LYS C 79 19.22 -1.33 -20.15
C LYS C 79 20.45 -0.58 -19.58
N ASN C 80 20.22 0.62 -19.05
CA ASN C 80 21.28 1.44 -18.46
C ASN C 80 20.85 2.12 -17.17
N ALA C 81 21.83 2.38 -16.30
CA ALA C 81 21.63 3.20 -15.12
C ALA C 81 21.41 4.66 -15.52
N PRO C 82 20.49 5.35 -14.84
CA PRO C 82 20.19 6.77 -15.07
C PRO C 82 21.43 7.62 -14.87
N ALA C 83 21.50 8.78 -15.51
CA ALA C 83 22.55 9.74 -15.25
C ALA C 83 21.93 11.07 -14.82
N VAL C 84 22.58 11.77 -13.90
CA VAL C 84 22.12 13.08 -13.48
C VAL C 84 22.89 14.12 -14.26
N GLU C 85 22.18 15.10 -14.80
CA GLU C 85 22.82 16.21 -15.44
C GLU C 85 22.18 17.49 -14.97
N LEU C 86 22.98 18.34 -14.33
CA LEU C 86 22.45 19.55 -13.70
C LEU C 86 22.55 20.76 -14.61
N HIS C 87 21.66 21.72 -14.40
CA HIS C 87 21.59 22.93 -15.23
C HIS C 87 21.20 24.12 -14.37
N GLY C 88 21.40 25.31 -14.90
CA GLY C 88 20.92 26.53 -14.26
C GLY C 88 21.37 26.71 -12.83
N ASN C 89 20.46 27.16 -11.96
CA ASN C 89 20.74 27.33 -10.54
C ASN C 89 21.21 26.05 -9.89
N ALA C 90 20.53 24.95 -10.20
CA ALA C 90 20.92 23.63 -9.72
C ALA C 90 22.43 23.41 -9.89
N LYS C 91 22.93 23.68 -11.09
CA LYS C 91 24.33 23.47 -11.42
C LYS C 91 25.28 24.38 -10.62
N LYS C 92 24.96 25.67 -10.52
CA LYS C 92 25.79 26.63 -9.79
C LYS C 92 25.89 26.27 -8.32
N ALA C 93 24.73 26.09 -7.70
CA ALA C 93 24.66 25.77 -6.28
C ALA C 93 25.39 24.45 -5.96
N ALA C 94 25.49 23.58 -6.95
CA ALA C 94 26.19 22.31 -6.78
C ALA C 94 27.69 22.49 -6.81
N GLU C 95 28.18 23.26 -7.78
CA GLU C 95 29.59 23.63 -7.82
C GLU C 95 29.92 24.50 -6.61
N GLU C 96 28.96 25.36 -6.27
CA GLU C 96 29.09 26.28 -5.16
C GLU C 96 29.07 25.55 -3.82
N ALA C 97 28.79 24.24 -3.87
CA ALA C 97 28.83 23.45 -2.65
C ALA C 97 30.00 22.46 -2.70
N GLY C 98 30.69 22.44 -3.83
CA GLY C 98 31.80 21.53 -4.03
C GLY C 98 31.39 20.16 -4.50
N VAL C 99 30.15 20.02 -4.98
CA VAL C 99 29.61 18.72 -5.39
C VAL C 99 30.18 18.34 -6.74
N THR C 100 30.93 17.25 -6.78
CA THR C 100 31.69 16.85 -7.97
C THR C 100 30.98 15.77 -8.77
N ASP C 101 30.06 15.05 -8.15
CA ASP C 101 29.28 14.05 -8.87
C ASP C 101 28.03 13.65 -8.11
N VAL C 102 26.96 13.34 -8.86
CA VAL C 102 25.71 12.85 -8.31
C VAL C 102 25.30 11.58 -9.04
N LYS C 103 25.00 10.54 -8.28
CA LYS C 103 24.44 9.29 -8.80
C LYS C 103 23.02 9.07 -8.28
N VAL C 104 22.19 8.40 -9.06
CA VAL C 104 20.80 8.20 -8.67
C VAL C 104 20.35 6.80 -9.11
N SER C 105 19.50 6.18 -8.31
CA SER C 105 18.85 4.94 -8.70
C SER C 105 17.35 5.08 -8.45
N ILE C 106 16.54 4.43 -9.28
CA ILE C 106 15.08 4.58 -9.25
C ILE C 106 14.42 3.22 -9.23
N SER C 107 13.33 3.09 -8.49
CA SER C 107 12.54 1.87 -8.50
C SER C 107 11.08 2.20 -8.22
N HIS C 108 10.20 1.35 -8.72
CA HIS C 108 8.78 1.42 -8.35
C HIS C 108 8.14 0.05 -8.31
N ASP C 109 6.99 -0.02 -7.66
CA ASP C 109 6.09 -1.16 -7.77
C ASP C 109 4.70 -0.63 -8.14
N ASP C 110 3.65 -1.34 -7.75
CA ASP C 110 2.29 -0.90 -8.02
C ASP C 110 1.87 0.31 -7.23
N LEU C 111 2.47 0.46 -6.05
CA LEU C 111 2.01 1.46 -5.11
C LEU C 111 2.77 2.80 -5.21
N GLN C 112 4.08 2.72 -5.37
CA GLN C 112 4.90 3.91 -5.20
C GLN C 112 6.25 3.79 -5.86
N ALA C 113 6.90 4.92 -6.05
CA ALA C 113 8.24 4.93 -6.63
C ALA C 113 9.16 5.43 -5.57
N VAL C 114 10.39 4.94 -5.60
N VAL C 114 10.41 4.94 -5.59
CA VAL C 114 11.44 5.36 -4.68
CA VAL C 114 11.44 5.37 -4.67
C VAL C 114 12.69 5.72 -5.46
C VAL C 114 12.70 5.70 -5.45
N ALA C 115 13.41 6.74 -5.02
CA ALA C 115 14.68 7.05 -5.63
C ALA C 115 15.68 7.38 -4.52
N VAL C 116 16.91 6.94 -4.71
CA VAL C 116 17.98 7.28 -3.77
C VAL C 116 19.16 7.90 -4.55
N ALA C 117 19.69 9.00 -4.04
CA ALA C 117 20.81 9.65 -4.67
C ALA C 117 21.93 9.84 -3.65
N VAL C 118 23.17 9.78 -4.14
CA VAL C 118 24.35 10.05 -3.32
C VAL C 118 25.20 11.09 -4.04
N SER C 119 25.66 12.11 -3.32
CA SER C 119 26.53 13.13 -3.91
C SER C 119 27.98 13.07 -3.41
N THR C 120 28.92 13.47 -4.25
CA THR C 120 30.34 13.48 -3.92
C THR C 120 30.89 14.90 -3.81
N LYS C 121 31.81 15.08 -2.85
CA LYS C 121 32.44 16.37 -2.54
C LYS C 121 33.96 16.26 -2.34
N GLY D 2 -32.09 -9.92 6.43
CA GLY D 2 -31.58 -8.97 7.40
C GLY D 2 -30.26 -9.43 7.98
N GLY D 3 -29.23 -9.46 7.13
CA GLY D 3 -27.89 -9.77 7.58
C GLY D 3 -26.85 -9.36 6.54
N VAL D 4 -25.80 -8.68 6.98
CA VAL D 4 -24.69 -8.31 6.10
C VAL D 4 -23.36 -8.54 6.82
N GLY D 5 -22.34 -8.95 6.07
CA GLY D 5 -21.01 -9.11 6.61
C GLY D 5 -19.96 -8.69 5.62
N VAL D 6 -18.91 -8.03 6.08
CA VAL D 6 -17.81 -7.66 5.20
C VAL D 6 -16.52 -8.06 5.90
N ASP D 7 -15.53 -8.51 5.12
CA ASP D 7 -14.21 -8.81 5.67
C ASP D 7 -13.10 -8.47 4.66
N VAL D 8 -12.06 -7.82 5.17
CA VAL D 8 -10.96 -7.35 4.36
C VAL D 8 -9.71 -7.96 5.00
N GLU D 9 -8.83 -8.53 4.15
CA GLU D 9 -7.59 -9.18 4.59
C GLU D 9 -6.41 -8.73 3.76
N LEU D 10 -5.24 -8.64 4.39
CA LEU D 10 -4.03 -8.38 3.65
C LEU D 10 -3.64 -9.70 2.99
N ILE D 11 -3.14 -9.66 1.76
CA ILE D 11 -2.85 -10.91 1.04
C ILE D 11 -1.85 -11.73 1.82
N THR D 12 -0.92 -11.06 2.49
CA THR D 12 0.14 -11.74 3.22
C THR D 12 -0.27 -12.30 4.59
N SER D 13 -1.53 -12.15 4.95
CA SER D 13 -2.05 -12.73 6.20
C SER D 13 -2.20 -14.25 6.06
N ILE D 14 -2.20 -14.74 4.82
CA ILE D 14 -2.26 -16.18 4.59
C ILE D 14 -0.87 -16.71 4.28
N ASN D 15 -0.38 -17.54 5.19
CA ASN D 15 0.86 -18.24 4.96
C ASN D 15 0.51 -19.59 4.36
N VAL D 16 0.77 -19.73 3.08
CA VAL D 16 0.38 -20.94 2.35
C VAL D 16 1.15 -22.17 2.83
N GLU D 17 2.32 -21.97 3.42
CA GLU D 17 3.05 -23.11 3.96
C GLU D 17 2.47 -23.51 5.30
N ASN D 18 1.79 -22.59 6.00
CA ASN D 18 1.13 -23.00 7.23
C ASN D 18 0.07 -24.06 6.93
N ASP D 19 0.51 -25.31 6.80
CA ASP D 19 -0.37 -26.46 6.53
C ASP D 19 -1.45 -26.66 7.60
N THR D 20 -1.11 -26.34 8.85
CA THR D 20 -2.01 -26.56 9.96
C THR D 20 -3.25 -25.68 9.83
N PHE D 21 -3.01 -24.40 9.55
CA PHE D 21 -4.08 -23.42 9.43
C PHE D 21 -4.96 -23.67 8.19
N ILE D 22 -4.31 -23.90 7.06
CA ILE D 22 -4.99 -24.22 5.81
C ILE D 22 -5.91 -25.42 5.99
N GLU D 23 -5.34 -26.55 6.41
CA GLU D 23 -6.08 -27.80 6.48
C GLU D 23 -7.20 -27.77 7.55
N ARG D 24 -7.13 -26.81 8.47
CA ARG D 24 -8.04 -26.73 9.60
C ARG D 24 -9.24 -25.83 9.32
N ASN D 25 -9.13 -25.05 8.24
CA ASN D 25 -10.15 -24.06 7.92
C ASN D 25 -10.74 -24.21 6.53
N PHE D 26 -10.06 -24.98 5.69
CA PHE D 26 -10.51 -25.14 4.32
C PHE D 26 -10.81 -26.60 4.05
N THR D 27 -11.92 -26.83 3.36
CA THR D 27 -12.23 -28.17 2.88
C THR D 27 -11.24 -28.53 1.77
N PRO D 28 -11.05 -29.84 1.54
CA PRO D 28 -10.19 -30.31 0.44
C PRO D 28 -10.50 -29.67 -0.92
N GLN D 29 -11.75 -29.29 -1.20
CA GLN D 29 -12.07 -28.72 -2.52
C GLN D 29 -11.73 -27.23 -2.61
N GLU D 30 -11.84 -26.54 -1.47
CA GLU D 30 -11.42 -25.16 -1.37
C GLU D 30 -9.94 -25.09 -1.65
N ILE D 31 -9.17 -25.91 -0.94
CA ILE D 31 -7.72 -26.00 -1.12
C ILE D 31 -7.29 -26.31 -2.56
N GLU D 32 -8.00 -27.23 -3.22
CA GLU D 32 -7.73 -27.57 -4.61
C GLU D 32 -8.01 -26.40 -5.57
N TYR D 33 -9.07 -25.65 -5.29
CA TYR D 33 -9.42 -24.52 -6.12
C TYR D 33 -8.34 -23.44 -6.04
N CYS D 34 -7.97 -23.09 -4.81
CA CYS D 34 -7.01 -22.00 -4.57
C CYS D 34 -5.65 -22.34 -5.17
N SER D 35 -5.28 -23.62 -5.04
CA SER D 35 -4.03 -24.13 -5.58
C SER D 35 -3.95 -24.06 -7.09
N ALA D 36 -5.10 -24.09 -7.75
CA ALA D 36 -5.12 -24.08 -9.20
C ALA D 36 -5.15 -22.66 -9.75
N GLN D 37 -5.11 -21.66 -8.87
CA GLN D 37 -5.22 -20.27 -9.32
C GLN D 37 -3.87 -19.64 -9.64
N PRO D 38 -3.87 -18.60 -10.48
CA PRO D 38 -2.66 -17.88 -10.86
C PRO D 38 -1.90 -17.37 -9.63
N SER D 39 -2.62 -16.80 -8.67
CA SER D 39 -2.01 -16.39 -7.40
C SER D 39 -2.66 -17.15 -6.25
N VAL D 40 -1.96 -18.17 -5.77
CA VAL D 40 -2.51 -19.06 -4.77
C VAL D 40 -2.81 -18.36 -3.44
N GLN D 41 -1.90 -17.50 -3.03
CA GLN D 41 -2.01 -16.81 -1.76
C GLN D 41 -3.18 -15.82 -1.79
N SER D 42 -3.33 -15.10 -2.90
CA SER D 42 -4.46 -14.20 -3.08
C SER D 42 -5.75 -14.98 -3.04
N SER D 43 -5.73 -16.16 -3.65
CA SER D 43 -6.94 -16.98 -3.72
C SER D 43 -7.39 -17.41 -2.31
N PHE D 44 -6.44 -17.88 -1.51
CA PHE D 44 -6.73 -18.30 -0.15
C PHE D 44 -7.18 -17.11 0.71
N ALA D 45 -6.57 -15.96 0.51
CA ALA D 45 -6.94 -14.74 1.23
C ALA D 45 -8.36 -14.33 0.88
N GLY D 46 -8.73 -14.54 -0.37
CA GLY D 46 -10.08 -14.27 -0.83
C GLY D 46 -11.12 -15.22 -0.26
N THR D 47 -10.82 -16.52 -0.26
CA THR D 47 -11.75 -17.51 0.29
C THR D 47 -11.88 -17.32 1.78
N TRP D 48 -10.78 -16.93 2.41
CA TRP D 48 -10.80 -16.63 3.84
C TRP D 48 -11.72 -15.45 4.20
N SER D 49 -11.61 -14.36 3.45
CA SER D 49 -12.49 -13.19 3.62
C SER D 49 -13.92 -13.58 3.41
N ALA D 50 -14.15 -14.55 2.53
CA ALA D 50 -15.51 -14.98 2.22
C ALA D 50 -16.10 -15.72 3.42
N LYS D 51 -15.31 -16.62 3.99
CA LYS D 51 -15.77 -17.35 5.14
C LYS D 51 -16.13 -16.39 6.27
N GLU D 52 -15.27 -15.40 6.51
CA GLU D 52 -15.45 -14.41 7.57
C GLU D 52 -16.65 -13.55 7.33
N ALA D 53 -16.77 -13.07 6.08
CA ALA D 53 -17.94 -12.28 5.65
C ALA D 53 -19.25 -13.04 5.84
N VAL D 54 -19.27 -14.32 5.44
CA VAL D 54 -20.45 -15.17 5.59
C VAL D 54 -20.86 -15.35 7.06
N PHE D 55 -19.88 -15.69 7.88
CA PHE D 55 -20.15 -15.86 9.30
C PHE D 55 -20.81 -14.59 9.90
N LYS D 56 -20.33 -13.42 9.51
CA LYS D 56 -20.86 -12.18 10.07
C LYS D 56 -22.30 -11.90 9.62
N SER D 57 -22.68 -12.32 8.40
CA SER D 57 -24.02 -12.07 7.85
C SER D 57 -25.07 -12.93 8.53
N LEU D 58 -24.62 -14.04 9.11
CA LEU D 58 -25.51 -14.93 9.85
C LEU D 58 -25.92 -14.30 11.17
N ALA D 67 -12.22 -20.54 16.65
CA ALA D 67 -13.28 -21.40 16.11
C ALA D 67 -13.02 -21.75 14.64
N ALA D 68 -12.91 -23.04 14.34
CA ALA D 68 -12.56 -23.40 12.96
C ALA D 68 -13.70 -23.02 12.01
N LEU D 69 -13.31 -22.57 10.82
CA LEU D 69 -14.25 -22.06 9.84
C LEU D 69 -14.41 -23.00 8.67
N LYS D 70 -13.97 -24.26 8.84
CA LYS D 70 -14.12 -25.24 7.77
C LYS D 70 -15.60 -25.54 7.52
N ASP D 71 -16.44 -25.22 8.51
CA ASP D 71 -17.90 -25.35 8.42
C ASP D 71 -18.45 -24.56 7.25
N ILE D 72 -17.90 -23.37 7.06
CA ILE D 72 -18.38 -22.45 6.03
C ILE D 72 -17.56 -22.67 4.78
N GLU D 73 -18.16 -23.34 3.80
CA GLU D 73 -17.44 -23.66 2.60
C GLU D 73 -17.85 -22.81 1.41
N ILE D 74 -16.84 -22.31 0.69
CA ILE D 74 -17.05 -21.47 -0.48
C ILE D 74 -16.76 -22.30 -1.73
N VAL D 75 -17.74 -22.45 -2.62
CA VAL D 75 -17.60 -23.27 -3.85
C VAL D 75 -17.57 -22.50 -5.19
N ARG D 76 -16.56 -22.77 -6.02
CA ARG D 76 -16.55 -22.35 -7.44
C ARG D 76 -15.87 -23.37 -8.35
N ALA D 81 -19.50 -17.68 -10.41
CA ALA D 81 -19.65 -16.98 -9.14
C ALA D 81 -19.57 -17.97 -7.99
N PRO D 82 -19.10 -17.52 -6.80
CA PRO D 82 -19.11 -18.38 -5.61
C PRO D 82 -20.53 -18.73 -5.16
N ALA D 83 -20.65 -19.92 -4.60
CA ALA D 83 -21.86 -20.35 -3.91
C ALA D 83 -21.45 -20.71 -2.50
N VAL D 84 -22.33 -20.46 -1.55
CA VAL D 84 -22.06 -20.81 -0.17
C VAL D 84 -22.78 -22.11 0.13
N GLU D 85 -22.08 -23.04 0.76
CA GLU D 85 -22.68 -24.28 1.21
C GLU D 85 -22.25 -24.55 2.64
N LEU D 86 -23.20 -24.53 3.56
CA LEU D 86 -22.90 -24.70 4.98
C LEU D 86 -22.96 -26.16 5.45
N HIS D 87 -22.21 -26.46 6.50
CA HIS D 87 -22.09 -27.82 7.00
C HIS D 87 -21.98 -27.78 8.51
N GLY D 88 -22.18 -28.93 9.15
CA GLY D 88 -21.95 -29.06 10.59
C GLY D 88 -22.64 -28.02 11.43
N ASN D 89 -21.94 -27.47 12.43
CA ASN D 89 -22.49 -26.44 13.30
C ASN D 89 -22.97 -25.23 12.54
N ALA D 90 -22.16 -24.81 11.56
CA ALA D 90 -22.50 -23.68 10.70
C ALA D 90 -23.92 -23.84 10.17
N LYS D 91 -24.22 -25.04 9.68
CA LYS D 91 -25.51 -25.31 9.05
C LYS D 91 -26.68 -25.28 10.06
N LYS D 92 -26.51 -25.92 11.22
CA LYS D 92 -27.53 -25.93 12.27
C LYS D 92 -27.86 -24.51 12.76
N ALA D 93 -26.83 -23.81 13.22
CA ALA D 93 -26.97 -22.45 13.73
C ALA D 93 -27.60 -21.51 12.70
N ALA D 94 -27.50 -21.86 11.40
CA ALA D 94 -28.08 -21.05 10.33
C ALA D 94 -29.57 -21.33 10.20
N GLU D 95 -29.95 -22.60 10.22
CA GLU D 95 -31.36 -22.96 10.25
C GLU D 95 -31.96 -22.51 11.57
N GLU D 96 -31.16 -22.64 12.63
CA GLU D 96 -31.57 -22.27 13.97
C GLU D 96 -31.73 -20.76 14.10
N ALA D 97 -31.35 -20.02 13.06
CA ALA D 97 -31.51 -18.58 13.07
C ALA D 97 -32.54 -18.18 12.01
N GLY D 98 -32.99 -19.17 11.26
CA GLY D 98 -33.98 -18.93 10.22
C GLY D 98 -33.38 -18.44 8.91
N VAL D 99 -32.07 -18.64 8.76
CA VAL D 99 -31.36 -18.18 7.59
C VAL D 99 -31.64 -19.11 6.43
N THR D 100 -32.26 -18.58 5.38
CA THR D 100 -32.74 -19.39 4.25
C THR D 100 -31.81 -19.36 3.04
N ASP D 101 -30.92 -18.36 2.98
CA ASP D 101 -29.95 -18.29 1.90
C ASP D 101 -28.82 -17.32 2.22
N VAL D 102 -27.62 -17.66 1.76
CA VAL D 102 -26.47 -16.79 1.87
C VAL D 102 -25.80 -16.62 0.51
N LYS D 103 -25.54 -15.36 0.15
CA LYS D 103 -24.81 -15.03 -1.07
C LYS D 103 -23.51 -14.34 -0.68
N VAL D 104 -22.49 -14.51 -1.53
CA VAL D 104 -21.18 -13.97 -1.25
C VAL D 104 -20.55 -13.51 -2.55
N SER D 105 -19.78 -12.43 -2.46
CA SER D 105 -18.94 -11.97 -3.56
C SER D 105 -17.53 -11.69 -3.03
N ILE D 106 -16.53 -11.91 -3.88
CA ILE D 106 -15.14 -11.83 -3.49
C ILE D 106 -14.36 -11.00 -4.49
N SER D 107 -13.37 -10.25 -3.99
CA SER D 107 -12.49 -9.46 -4.86
C SER D 107 -11.16 -9.24 -4.19
N HIS D 108 -10.11 -9.09 -5.00
CA HIS D 108 -8.82 -8.69 -4.46
C HIS D 108 -8.04 -7.82 -5.44
N ASP D 109 -7.05 -7.11 -4.92
CA ASP D 109 -6.05 -6.48 -5.76
C ASP D 109 -4.69 -6.94 -5.26
N ASP D 110 -3.66 -6.14 -5.47
CA ASP D 110 -2.32 -6.50 -5.01
C ASP D 110 -2.15 -6.46 -3.51
N LEU D 111 -2.97 -5.65 -2.86
CA LEU D 111 -2.80 -5.39 -1.46
C LEU D 111 -3.66 -6.29 -0.57
N GLN D 112 -4.89 -6.54 -0.99
CA GLN D 112 -5.83 -7.15 -0.07
C GLN D 112 -7.04 -7.75 -0.77
N ALA D 113 -7.73 -8.61 -0.04
CA ALA D 113 -8.93 -9.23 -0.56
C ALA D 113 -10.09 -8.72 0.26
N VAL D 114 -11.25 -8.60 -0.39
N VAL D 114 -11.25 -8.59 -0.38
CA VAL D 114 -12.48 -8.20 0.30
CA VAL D 114 -12.49 -8.18 0.29
C VAL D 114 -13.59 -9.16 -0.08
C VAL D 114 -13.62 -9.12 -0.08
N ALA D 115 -14.46 -9.44 0.87
CA ALA D 115 -15.63 -10.23 0.56
C ALA D 115 -16.82 -9.60 1.27
N VAL D 116 -17.96 -9.64 0.60
CA VAL D 116 -19.21 -9.19 1.19
C VAL D 116 -20.28 -10.28 1.05
N ALA D 117 -21.01 -10.53 2.13
CA ALA D 117 -22.05 -11.56 2.15
C ALA D 117 -23.34 -10.96 2.65
N VAL D 118 -24.46 -11.44 2.13
CA VAL D 118 -25.81 -11.03 2.57
C VAL D 118 -26.64 -12.28 2.84
N SER D 119 -27.30 -12.30 4.00
CA SER D 119 -28.11 -13.45 4.38
C SER D 119 -29.62 -13.14 4.40
N THR D 120 -30.42 -14.16 4.09
CA THR D 120 -31.88 -14.02 4.01
C THR D 120 -32.58 -14.78 5.13
N GLY E 2 -34.99 -0.42 -1.26
CA GLY E 2 -33.65 -0.95 -1.03
C GLY E 2 -32.64 0.11 -0.60
N GLY E 3 -31.42 -0.33 -0.30
CA GLY E 3 -30.35 0.60 0.01
C GLY E 3 -29.03 -0.06 0.45
N VAL E 4 -27.93 0.30 -0.23
CA VAL E 4 -26.60 -0.20 0.13
C VAL E 4 -25.58 0.92 0.15
N GLY E 5 -24.64 0.85 1.10
CA GLY E 5 -23.58 1.84 1.20
C GLY E 5 -22.29 1.15 1.55
N VAL E 6 -21.18 1.61 0.98
CA VAL E 6 -19.86 1.11 1.33
C VAL E 6 -18.94 2.31 1.50
N ASP E 7 -18.04 2.23 2.48
CA ASP E 7 -17.03 3.26 2.68
C ASP E 7 -15.70 2.63 3.12
N VAL E 8 -14.63 3.11 2.51
CA VAL E 8 -13.29 2.62 2.78
C VAL E 8 -12.45 3.83 3.19
N GLU E 9 -11.65 3.67 4.24
CA GLU E 9 -10.84 4.76 4.78
C GLU E 9 -9.43 4.27 5.07
N LEU E 10 -8.44 5.13 4.87
CA LEU E 10 -7.08 4.81 5.29
C LEU E 10 -7.06 4.98 6.80
N ILE E 11 -6.38 4.11 7.52
CA ILE E 11 -6.33 4.20 8.97
C ILE E 11 -5.84 5.57 9.43
N THR E 12 -4.91 6.14 8.68
CA THR E 12 -4.28 7.40 9.07
C THR E 12 -5.10 8.65 8.74
N SER E 13 -6.29 8.45 8.19
CA SER E 13 -7.21 9.56 7.90
C SER E 13 -7.82 10.07 9.19
N ILE E 14 -7.76 9.26 10.25
CA ILE E 14 -8.23 9.71 11.56
C ILE E 14 -7.06 10.20 12.42
N ASN E 15 -7.06 11.49 12.71
CA ASN E 15 -6.12 12.03 13.67
C ASN E 15 -6.79 12.01 15.02
N VAL E 16 -6.30 11.14 15.89
CA VAL E 16 -6.91 10.94 17.21
C VAL E 16 -6.64 12.14 18.11
N GLU E 17 -5.48 12.78 17.94
CA GLU E 17 -5.20 14.07 18.56
C GLU E 17 -6.34 15.10 18.35
N ASN E 18 -6.92 15.14 17.16
CA ASN E 18 -7.92 16.15 16.80
C ASN E 18 -9.22 16.02 17.58
N ASP E 19 -9.25 16.63 18.77
CA ASP E 19 -10.43 16.59 19.66
C ASP E 19 -11.67 17.20 19.03
N THR E 20 -11.47 18.23 18.21
CA THR E 20 -12.58 18.94 17.59
C THR E 20 -13.36 18.01 16.68
N PHE E 21 -12.64 17.31 15.80
CA PHE E 21 -13.23 16.41 14.82
C PHE E 21 -13.89 15.19 15.48
N ILE E 22 -13.17 14.57 16.43
CA ILE E 22 -13.68 13.43 17.16
C ILE E 22 -14.98 13.79 17.86
N GLU E 23 -14.89 14.79 18.73
CA GLU E 23 -16.01 15.22 19.54
C GLU E 23 -17.21 15.66 18.68
N ARG E 24 -16.90 16.22 17.51
CA ARG E 24 -17.93 16.71 16.57
C ARG E 24 -18.65 15.61 15.76
N ASN E 25 -18.08 14.39 15.71
CA ASN E 25 -18.60 13.33 14.84
C ASN E 25 -18.94 12.04 15.56
N PHE E 26 -18.47 11.92 16.80
CA PHE E 26 -18.70 10.73 17.57
C PHE E 26 -19.46 11.06 18.84
N THR E 27 -20.46 10.23 19.14
CA THR E 27 -21.13 10.30 20.44
C THR E 27 -20.17 9.86 21.56
N PRO E 28 -20.45 10.31 22.79
CA PRO E 28 -19.63 9.93 23.95
C PRO E 28 -19.43 8.42 24.09
N GLN E 29 -20.39 7.62 23.65
CA GLN E 29 -20.24 6.15 23.76
C GLN E 29 -19.33 5.59 22.67
N GLU E 30 -19.45 6.13 21.44
CA GLU E 30 -18.59 5.74 20.32
C GLU E 30 -17.13 5.99 20.68
N ILE E 31 -16.84 7.21 21.14
CA ILE E 31 -15.51 7.62 21.59
C ILE E 31 -14.94 6.70 22.69
N GLU E 32 -15.79 6.33 23.64
CA GLU E 32 -15.37 5.45 24.73
C GLU E 32 -15.04 4.05 24.21
N TYR E 33 -15.80 3.59 23.23
CA TYR E 33 -15.55 2.28 22.66
C TYR E 33 -14.20 2.22 21.95
N CYS E 34 -13.98 3.22 21.09
CA CYS E 34 -12.80 3.26 20.24
C CYS E 34 -11.56 3.40 21.10
N SER E 35 -11.66 4.24 22.12
CA SER E 35 -10.57 4.45 23.06
C SER E 35 -10.17 3.20 23.83
N ALA E 36 -11.11 2.28 24.01
CA ALA E 36 -10.86 1.06 24.75
C ALA E 36 -10.27 -0.06 23.89
N GLN E 37 -10.04 0.24 22.62
CA GLN E 37 -9.57 -0.80 21.69
C GLN E 37 -8.06 -0.86 21.62
N PRO E 38 -7.52 -2.04 21.22
CA PRO E 38 -6.08 -2.26 21.05
C PRO E 38 -5.45 -1.24 20.09
N SER E 39 -6.11 -0.95 18.97
CA SER E 39 -5.72 0.15 18.08
C SER E 39 -6.81 1.20 18.03
N VAL E 40 -6.62 2.30 18.75
CA VAL E 40 -7.64 3.35 18.83
C VAL E 40 -7.91 4.02 17.50
N GLN E 41 -6.85 4.34 16.75
CA GLN E 41 -6.98 5.00 15.44
C GLN E 41 -7.71 4.12 14.41
N SER E 42 -7.37 2.83 14.37
CA SER E 42 -8.08 1.86 13.53
C SER E 42 -9.55 1.78 13.92
N SER E 43 -9.83 1.87 15.22
CA SER E 43 -11.19 1.75 15.70
C SER E 43 -12.03 2.92 15.23
N PHE E 44 -11.48 4.12 15.38
CA PHE E 44 -12.15 5.33 14.92
C PHE E 44 -12.37 5.32 13.41
N ALA E 45 -11.35 4.86 12.68
CA ALA E 45 -11.41 4.75 11.23
C ALA E 45 -12.51 3.78 10.82
N GLY E 46 -12.63 2.68 11.54
CA GLY E 46 -13.74 1.74 11.32
C GLY E 46 -15.15 2.27 11.59
N THR E 47 -15.34 2.89 12.75
CA THR E 47 -16.62 3.54 13.08
C THR E 47 -16.97 4.66 12.09
N TRP E 48 -15.95 5.41 11.68
CA TRP E 48 -16.16 6.44 10.66
C TRP E 48 -16.67 5.86 9.34
N SER E 49 -16.05 4.77 8.86
CA SER E 49 -16.47 4.09 7.64
C SER E 49 -17.90 3.62 7.78
N ALA E 50 -18.25 3.17 8.99
CA ALA E 50 -19.60 2.68 9.27
C ALA E 50 -20.60 3.80 9.10
N LYS E 51 -20.31 4.95 9.71
CA LYS E 51 -21.20 6.09 9.59
C LYS E 51 -21.42 6.45 8.13
N GLU E 52 -20.32 6.57 7.38
CA GLU E 52 -20.39 6.90 5.95
C GLU E 52 -21.15 5.88 5.13
N ALA E 53 -20.86 4.61 5.38
CA ALA E 53 -21.56 3.51 4.70
C ALA E 53 -23.08 3.56 4.98
N VAL E 54 -23.43 3.79 6.24
CA VAL E 54 -24.83 3.87 6.65
C VAL E 54 -25.56 5.01 5.93
N PHE E 55 -25.01 6.21 6.04
CA PHE E 55 -25.57 7.36 5.34
C PHE E 55 -25.84 7.08 3.86
N LYS E 56 -24.84 6.52 3.18
CA LYS E 56 -25.00 6.15 1.79
C LYS E 56 -26.20 5.20 1.55
N SER E 57 -26.38 4.22 2.41
CA SER E 57 -27.43 3.22 2.20
C SER E 57 -28.81 3.85 2.29
N LEU E 58 -28.89 4.99 2.98
CA LEU E 58 -30.15 5.69 3.13
C LEU E 58 -30.58 6.35 1.82
N LEU E 69 -21.77 14.02 11.40
CA LEU E 69 -22.30 12.65 11.31
C LEU E 69 -22.56 12.05 12.66
N LYS E 70 -22.65 12.90 13.67
CA LYS E 70 -22.93 12.41 15.04
C LYS E 70 -24.35 11.85 15.12
N ASP E 71 -25.19 12.26 14.15
CA ASP E 71 -26.56 11.77 14.00
C ASP E 71 -26.57 10.25 13.85
N ILE E 72 -25.61 9.73 13.09
CA ILE E 72 -25.56 8.30 12.80
C ILE E 72 -24.64 7.65 13.81
N GLU E 73 -25.22 6.92 14.73
CA GLU E 73 -24.44 6.32 15.79
C GLU E 73 -24.28 4.82 15.63
N ILE E 74 -23.05 4.37 15.80
CA ILE E 74 -22.75 2.95 15.69
C ILE E 74 -22.55 2.41 17.10
N VAL E 75 -23.35 1.41 17.46
CA VAL E 75 -23.28 0.83 18.81
C VAL E 75 -22.68 -0.59 18.83
N ARG E 76 -21.64 -0.78 19.64
CA ARG E 76 -20.79 -1.95 19.52
C ARG E 76 -20.54 -2.61 20.87
N ALA E 81 -21.18 -8.09 16.66
CA ALA E 81 -21.96 -7.26 15.72
C ALA E 81 -22.01 -5.81 16.16
N PRO E 82 -22.16 -4.90 15.19
CA PRO E 82 -22.48 -3.52 15.52
C PRO E 82 -23.97 -3.35 15.30
N ALA E 83 -24.58 -2.36 15.96
CA ALA E 83 -25.97 -2.01 15.68
C ALA E 83 -26.00 -0.54 15.29
N VAL E 84 -26.90 -0.18 14.37
CA VAL E 84 -27.08 1.22 13.98
C VAL E 84 -28.25 1.81 14.73
N GLU E 85 -28.04 3.00 15.30
CA GLU E 85 -29.11 3.73 15.96
C GLU E 85 -29.08 5.16 15.49
N LEU E 86 -30.13 5.57 14.78
CA LEU E 86 -30.19 6.91 14.20
C LEU E 86 -30.82 7.95 15.15
N HIS E 87 -30.41 9.20 14.95
CA HIS E 87 -30.89 10.31 15.78
C HIS E 87 -31.07 11.55 14.92
N GLY E 88 -31.74 12.56 15.48
CA GLY E 88 -31.88 13.87 14.86
C GLY E 88 -32.36 13.82 13.42
N ASN E 89 -31.71 14.60 12.56
CA ASN E 89 -32.06 14.65 11.14
C ASN E 89 -31.95 13.29 10.48
N ALA E 90 -30.86 12.59 10.82
CA ALA E 90 -30.61 11.25 10.32
C ALA E 90 -31.86 10.39 10.47
N LYS E 91 -32.44 10.42 11.66
CA LYS E 91 -33.61 9.61 11.97
C LYS E 91 -34.87 10.02 11.17
N LYS E 92 -35.14 11.32 11.08
CA LYS E 92 -36.30 11.84 10.35
C LYS E 92 -36.23 11.47 8.87
N ALA E 93 -35.10 11.82 8.24
CA ALA E 93 -34.90 11.58 6.83
C ALA E 93 -34.95 10.08 6.49
N ALA E 94 -34.71 9.24 7.50
CA ALA E 94 -34.77 7.79 7.32
C ALA E 94 -36.21 7.31 7.33
N GLU E 95 -36.98 7.79 8.30
CA GLU E 95 -38.41 7.47 8.34
C GLU E 95 -39.07 8.13 7.14
N GLU E 96 -38.59 9.31 6.81
CA GLU E 96 -39.12 10.10 5.71
C GLU E 96 -38.81 9.45 4.35
N ALA E 97 -37.99 8.40 4.37
CA ALA E 97 -37.65 7.66 3.15
C ALA E 97 -38.25 6.27 3.19
N GLY E 98 -38.88 5.96 4.32
CA GLY E 98 -39.48 4.65 4.54
C GLY E 98 -38.50 3.58 4.99
N VAL E 99 -37.32 3.99 5.44
CA VAL E 99 -36.28 3.06 5.88
C VAL E 99 -36.63 2.46 7.24
N THR E 100 -36.84 1.14 7.25
CA THR E 100 -37.34 0.43 8.43
C THR E 100 -36.23 -0.21 9.27
N ASP E 101 -35.06 -0.43 8.64
CA ASP E 101 -33.92 -1.00 9.34
C ASP E 101 -32.61 -0.80 8.57
N VAL E 102 -31.53 -0.61 9.32
CA VAL E 102 -30.19 -0.52 8.77
C VAL E 102 -29.25 -1.48 9.49
N LYS E 103 -28.52 -2.29 8.71
CA LYS E 103 -27.50 -3.19 9.23
C LYS E 103 -26.15 -2.74 8.72
N VAL E 104 -25.11 -2.97 9.50
CA VAL E 104 -23.76 -2.57 9.13
C VAL E 104 -22.74 -3.64 9.54
N SER E 105 -21.70 -3.80 8.74
CA SER E 105 -20.59 -4.64 9.13
C SER E 105 -19.29 -3.88 8.89
N ILE E 106 -18.29 -4.10 9.75
CA ILE E 106 -17.05 -3.32 9.72
C ILE E 106 -15.84 -4.26 9.70
N SER E 107 -14.78 -3.86 8.99
CA SER E 107 -13.55 -4.63 8.98
C SER E 107 -12.36 -3.72 8.72
N HIS E 108 -11.20 -4.11 9.19
CA HIS E 108 -9.98 -3.38 8.81
C HIS E 108 -8.78 -4.31 8.77
N ASP E 109 -7.73 -3.86 8.10
CA ASP E 109 -6.42 -4.49 8.21
C ASP E 109 -5.43 -3.38 8.57
N ASP E 110 -4.16 -3.57 8.21
CA ASP E 110 -3.12 -2.57 8.49
C ASP E 110 -3.26 -1.29 7.67
N LEU E 111 -3.88 -1.42 6.52
CA LEU E 111 -3.92 -0.32 5.58
C LEU E 111 -5.17 0.53 5.67
N GLN E 112 -6.30 -0.12 5.88
CA GLN E 112 -7.55 0.58 5.73
C GLN E 112 -8.69 -0.12 6.42
N ALA E 113 -9.79 0.61 6.59
CA ALA E 113 -11.02 0.05 7.12
C ALA E 113 -12.09 0.08 6.05
N VAL E 114 -12.98 -0.90 6.08
N VAL E 114 -12.99 -0.89 6.07
CA VAL E 114 -14.10 -0.96 5.15
CA VAL E 114 -14.11 -0.96 5.13
C VAL E 114 -15.37 -1.21 5.95
C VAL E 114 -15.38 -1.22 5.93
N ALA E 115 -16.47 -0.61 5.49
CA ALA E 115 -17.73 -0.87 6.09
C ALA E 115 -18.77 -1.00 4.98
N VAL E 116 -19.70 -1.95 5.16
CA VAL E 116 -20.80 -2.14 4.23
C VAL E 116 -22.12 -2.08 5.01
N ALA E 117 -23.06 -1.31 4.52
CA ALA E 117 -24.39 -1.20 5.13
C ALA E 117 -25.49 -1.52 4.13
N VAL E 118 -26.56 -2.14 4.62
CA VAL E 118 -27.74 -2.41 3.81
C VAL E 118 -28.97 -1.85 4.52
N SER E 119 -29.85 -1.17 3.77
CA SER E 119 -31.07 -0.61 4.37
C SER E 119 -32.33 -1.29 3.84
N THR E 120 -33.37 -1.30 4.68
CA THR E 120 -34.64 -1.93 4.36
C THR E 120 -35.74 -0.87 4.33
N LYS E 121 -36.72 -1.01 3.44
CA LYS E 121 -37.84 -0.08 3.43
C LYS E 121 -39.16 -0.83 3.21
N GLY F 3 -28.81 -11.34 -4.83
CA GLY F 3 -27.60 -11.10 -5.61
C GLY F 3 -26.69 -10.08 -4.98
N VAL F 4 -25.40 -10.36 -4.93
CA VAL F 4 -24.43 -9.40 -4.38
C VAL F 4 -23.16 -9.41 -5.22
N GLY F 5 -22.59 -8.23 -5.42
CA GLY F 5 -21.31 -8.13 -6.11
C GLY F 5 -20.39 -7.13 -5.42
N VAL F 6 -19.09 -7.43 -5.38
CA VAL F 6 -18.09 -6.51 -4.86
C VAL F 6 -16.92 -6.44 -5.85
N ASP F 7 -16.36 -5.25 -6.03
CA ASP F 7 -15.19 -5.08 -6.89
C ASP F 7 -14.25 -4.03 -6.30
N VAL F 8 -12.96 -4.37 -6.31
CA VAL F 8 -11.91 -3.53 -5.76
C VAL F 8 -10.89 -3.32 -6.88
N GLU F 9 -10.48 -2.07 -7.08
CA GLU F 9 -9.53 -1.69 -8.13
C GLU F 9 -8.42 -0.79 -7.58
N LEU F 10 -7.20 -0.93 -8.11
CA LEU F 10 -6.13 -0.01 -7.75
C LEU F 10 -6.43 1.29 -8.48
N ILE F 11 -6.13 2.44 -7.89
CA ILE F 11 -6.50 3.69 -8.53
C ILE F 11 -5.80 3.81 -9.86
N THR F 12 -4.63 3.20 -9.93
CA THR F 12 -3.79 3.36 -11.11
C THR F 12 -4.13 2.38 -12.21
N SER F 13 -5.17 1.58 -12.01
CA SER F 13 -5.66 0.68 -13.06
C SER F 13 -6.43 1.45 -14.16
N ILE F 14 -6.81 2.67 -13.86
CA ILE F 14 -7.44 3.50 -14.87
C ILE F 14 -6.42 4.48 -15.43
N ASN F 15 -6.09 4.31 -16.71
CA ASN F 15 -5.31 5.29 -17.43
C ASN F 15 -6.25 6.30 -18.07
N VAL F 16 -6.24 7.52 -17.56
CA VAL F 16 -7.17 8.54 -18.02
C VAL F 16 -6.81 9.07 -19.41
N GLU F 17 -5.51 9.07 -19.73
CA GLU F 17 -5.01 9.43 -21.07
C GLU F 17 -5.51 8.48 -22.16
N ASN F 18 -5.74 7.22 -21.80
CA ASN F 18 -6.28 6.28 -22.77
C ASN F 18 -7.73 6.62 -23.15
N ASP F 19 -7.88 7.56 -24.10
CA ASP F 19 -9.19 7.98 -24.62
C ASP F 19 -10.00 6.83 -25.23
N THR F 20 -9.31 5.89 -25.86
CA THR F 20 -9.95 4.78 -26.55
C THR F 20 -10.72 3.91 -25.56
N PHE F 21 -10.04 3.55 -24.47
CA PHE F 21 -10.62 2.70 -23.44
C PHE F 21 -11.76 3.41 -22.70
N ILE F 22 -11.53 4.65 -22.28
CA ILE F 22 -12.55 5.45 -21.61
C ILE F 22 -13.83 5.53 -22.45
N GLU F 23 -13.69 5.98 -23.70
CA GLU F 23 -14.83 6.12 -24.62
C GLU F 23 -15.51 4.79 -24.90
N ARG F 24 -14.75 3.71 -24.95
CA ARG F 24 -15.33 2.38 -25.13
C ARG F 24 -16.18 1.87 -23.98
N ASN F 25 -15.86 2.25 -22.76
CA ASN F 25 -16.45 1.63 -21.59
C ASN F 25 -17.30 2.55 -20.77
N PHE F 26 -17.24 3.82 -21.06
CA PHE F 26 -18.01 4.79 -20.30
C PHE F 26 -18.93 5.55 -21.23
N THR F 27 -20.15 5.76 -20.76
CA THR F 27 -21.09 6.64 -21.42
C THR F 27 -20.61 8.09 -21.33
N PRO F 28 -21.05 8.92 -22.26
CA PRO F 28 -20.72 10.34 -22.22
C PRO F 28 -21.02 10.99 -20.90
N GLN F 29 -22.07 10.56 -20.22
CA GLN F 29 -22.38 11.21 -18.95
C GLN F 29 -21.45 10.72 -17.83
N GLU F 30 -21.09 9.43 -17.85
CA GLU F 30 -20.10 8.87 -16.90
C GLU F 30 -18.79 9.62 -17.02
N ILE F 31 -18.29 9.70 -18.24
CA ILE F 31 -17.05 10.43 -18.53
C ILE F 31 -17.07 11.88 -18.05
N GLU F 32 -18.19 12.55 -18.25
CA GLU F 32 -18.33 13.94 -17.85
C GLU F 32 -18.35 14.07 -16.33
N TYR F 33 -18.98 13.11 -15.66
CA TYR F 33 -18.99 13.11 -14.20
C TYR F 33 -17.57 12.98 -13.61
N CYS F 34 -16.86 11.94 -14.05
CA CYS F 34 -15.55 11.63 -13.51
C CYS F 34 -14.61 12.80 -13.75
N SER F 35 -14.68 13.38 -14.94
CA SER F 35 -13.84 14.53 -15.33
C SER F 35 -14.04 15.75 -14.45
N ALA F 36 -15.22 15.87 -13.87
CA ALA F 36 -15.56 17.02 -13.05
C ALA F 36 -15.19 16.79 -11.59
N GLN F 37 -14.54 15.68 -11.28
CA GLN F 37 -14.21 15.37 -9.89
C GLN F 37 -12.82 15.85 -9.51
N PRO F 38 -12.58 16.07 -8.21
CA PRO F 38 -11.29 16.50 -7.68
C PRO F 38 -10.18 15.56 -8.08
N SER F 39 -10.44 14.26 -8.04
CA SER F 39 -9.50 13.27 -8.54
C SER F 39 -10.14 12.48 -9.66
N VAL F 40 -9.79 12.79 -10.90
CA VAL F 40 -10.42 12.17 -12.06
C VAL F 40 -10.14 10.67 -12.20
N GLN F 41 -8.88 10.29 -11.97
CA GLN F 41 -8.48 8.88 -12.04
C GLN F 41 -9.18 8.02 -10.99
N SER F 42 -9.25 8.55 -9.76
CA SER F 42 -9.94 7.87 -8.68
C SER F 42 -11.40 7.69 -9.04
N SER F 43 -11.98 8.71 -9.65
CA SER F 43 -13.40 8.69 -10.01
C SER F 43 -13.70 7.64 -11.04
N PHE F 44 -12.84 7.55 -12.06
CA PHE F 44 -12.97 6.50 -13.07
C PHE F 44 -12.78 5.10 -12.48
N ALA F 45 -11.78 4.97 -11.60
CA ALA F 45 -11.51 3.70 -10.93
C ALA F 45 -12.73 3.26 -10.15
N GLY F 46 -13.40 4.20 -9.51
CA GLY F 46 -14.61 3.92 -8.74
C GLY F 46 -15.81 3.53 -9.60
N THR F 47 -16.05 4.27 -10.68
CA THR F 47 -17.12 3.92 -11.60
C THR F 47 -16.84 2.57 -12.24
N TRP F 48 -15.58 2.28 -12.50
CA TRP F 48 -15.21 0.99 -13.05
C TRP F 48 -15.50 -0.19 -12.10
N SER F 49 -15.17 0.00 -10.82
CA SER F 49 -15.48 -1.01 -9.80
C SER F 49 -16.97 -1.24 -9.69
N ALA F 50 -17.74 -0.17 -9.86
CA ALA F 50 -19.19 -0.24 -9.79
C ALA F 50 -19.75 -1.10 -10.92
N LYS F 51 -19.30 -0.83 -12.13
CA LYS F 51 -19.73 -1.61 -13.27
C LYS F 51 -19.47 -3.10 -13.04
N GLU F 52 -18.23 -3.42 -12.66
CA GLU F 52 -17.81 -4.79 -12.34
C GLU F 52 -18.63 -5.45 -11.24
N ALA F 53 -18.81 -4.73 -10.12
CA ALA F 53 -19.65 -5.17 -8.99
C ALA F 53 -21.07 -5.45 -9.42
N VAL F 54 -21.67 -4.52 -10.18
CA VAL F 54 -23.02 -4.72 -10.72
C VAL F 54 -23.16 -5.96 -11.59
N PHE F 55 -22.30 -6.07 -12.60
CA PHE F 55 -22.29 -7.27 -13.44
C PHE F 55 -22.28 -8.55 -12.59
N LYS F 56 -21.50 -8.55 -11.52
CA LYS F 56 -21.35 -9.72 -10.67
C LYS F 56 -22.57 -10.08 -9.83
N SER F 57 -23.35 -9.07 -9.47
CA SER F 57 -24.54 -9.29 -8.67
C SER F 57 -25.65 -9.88 -9.54
N LEU F 58 -25.50 -9.74 -10.86
CA LEU F 58 -26.48 -10.30 -11.79
C LEU F 58 -26.29 -11.79 -11.89
N LEU F 69 -18.11 -2.97 -21.11
CA LEU F 69 -18.98 -2.75 -19.96
C LEU F 69 -19.76 -1.44 -20.06
N LYS F 70 -19.84 -0.90 -21.27
CA LYS F 70 -20.59 0.34 -21.47
C LYS F 70 -22.10 0.09 -21.30
N ASP F 71 -22.51 -1.17 -21.42
CA ASP F 71 -23.88 -1.62 -21.15
C ASP F 71 -24.34 -1.22 -19.74
N ILE F 72 -23.45 -1.37 -18.77
CA ILE F 72 -23.79 -1.12 -17.38
C ILE F 72 -23.45 0.33 -17.08
N GLU F 73 -24.46 1.17 -16.97
CA GLU F 73 -24.19 2.57 -16.70
C GLU F 73 -24.49 3.00 -15.26
N ILE F 74 -23.56 3.73 -14.67
CA ILE F 74 -23.72 4.28 -13.33
C ILE F 74 -24.02 5.80 -13.40
N VAL F 75 -25.09 6.27 -12.76
CA VAL F 75 -25.50 7.69 -12.82
C VAL F 75 -25.43 8.40 -11.45
N ARG F 76 -24.64 9.48 -11.32
CA ARG F 76 -24.35 10.07 -10.00
C ARG F 76 -24.30 11.60 -9.97
N THR F 77 -24.60 12.19 -8.82
CA THR F 77 -24.58 13.65 -8.72
C THR F 77 -23.93 14.16 -7.43
N ALA F 81 -26.46 10.17 -4.91
CA ALA F 81 -26.11 8.75 -4.96
C ALA F 81 -25.59 8.33 -6.35
N PRO F 82 -25.28 7.03 -6.52
CA PRO F 82 -25.22 6.41 -7.84
C PRO F 82 -26.50 5.61 -8.14
N ALA F 83 -26.94 5.65 -9.41
CA ALA F 83 -28.04 4.82 -9.88
C ALA F 83 -27.52 3.89 -10.95
N VAL F 84 -28.06 2.68 -11.03
CA VAL F 84 -27.70 1.75 -12.09
C VAL F 84 -28.75 1.82 -13.18
N GLU F 85 -28.30 1.91 -14.43
CA GLU F 85 -29.19 1.83 -15.58
C GLU F 85 -28.60 0.87 -16.61
N LEU F 86 -29.28 -0.24 -16.84
CA LEU F 86 -28.78 -1.25 -17.75
C LEU F 86 -29.24 -1.07 -19.19
N HIS F 87 -28.42 -1.54 -20.13
CA HIS F 87 -28.70 -1.40 -21.55
C HIS F 87 -28.27 -2.67 -22.30
N GLY F 88 -28.72 -2.80 -23.54
CA GLY F 88 -28.25 -3.85 -24.43
C GLY F 88 -28.36 -5.24 -23.83
N ASN F 89 -27.31 -6.04 -24.02
CA ASN F 89 -27.29 -7.40 -23.47
C ASN F 89 -27.45 -7.43 -21.96
N ALA F 90 -26.75 -6.50 -21.29
CA ALA F 90 -26.84 -6.35 -19.85
C ALA F 90 -28.31 -6.33 -19.41
N LYS F 91 -29.12 -5.53 -20.11
CA LYS F 91 -30.52 -5.36 -19.74
C LYS F 91 -31.35 -6.62 -19.95
N LYS F 92 -31.15 -7.28 -21.10
CA LYS F 92 -31.89 -8.51 -21.45
C LYS F 92 -31.61 -9.61 -20.46
N ALA F 93 -30.32 -9.91 -20.27
CA ALA F 93 -29.89 -10.95 -19.36
C ALA F 93 -30.33 -10.70 -17.92
N ALA F 94 -30.58 -9.43 -17.60
CA ALA F 94 -31.07 -9.05 -16.27
C ALA F 94 -32.56 -9.38 -16.13
N GLU F 95 -33.35 -8.99 -17.13
CA GLU F 95 -34.77 -9.33 -17.14
C GLU F 95 -34.91 -10.84 -17.28
N GLU F 96 -34.00 -11.40 -18.06
CA GLU F 96 -33.98 -12.82 -18.34
C GLU F 96 -33.58 -13.63 -17.10
N ALA F 97 -33.16 -12.93 -16.06
CA ALA F 97 -32.81 -13.60 -14.81
C ALA F 97 -33.82 -13.25 -13.73
N GLY F 98 -34.73 -12.34 -14.07
CA GLY F 98 -35.77 -11.89 -13.16
C GLY F 98 -35.33 -10.76 -12.25
N VAL F 99 -34.22 -10.12 -12.59
CA VAL F 99 -33.66 -9.04 -11.77
C VAL F 99 -34.46 -7.77 -11.93
N THR F 100 -35.07 -7.34 -10.83
CA THR F 100 -36.04 -6.25 -10.85
C THR F 100 -35.42 -4.92 -10.45
N ASP F 101 -34.29 -4.97 -9.77
CA ASP F 101 -33.58 -3.74 -9.39
C ASP F 101 -32.13 -4.01 -8.97
N VAL F 102 -31.25 -3.07 -9.28
CA VAL F 102 -29.86 -3.12 -8.84
C VAL F 102 -29.45 -1.82 -8.15
N LYS F 103 -28.87 -1.95 -6.96
CA LYS F 103 -28.35 -0.80 -6.22
C LYS F 103 -26.84 -0.92 -6.11
N VAL F 104 -26.15 0.20 -6.06
CA VAL F 104 -24.69 0.18 -5.99
C VAL F 104 -24.22 1.30 -5.07
N SER F 105 -23.14 1.03 -4.35
CA SER F 105 -22.42 2.08 -3.63
C SER F 105 -20.92 2.01 -3.99
N ILE F 106 -20.25 3.16 -3.96
CA ILE F 106 -18.86 3.27 -4.39
C ILE F 106 -18.05 4.03 -3.36
N SER F 107 -16.78 3.66 -3.20
CA SER F 107 -15.89 4.37 -2.30
C SER F 107 -14.46 4.17 -2.75
N HIS F 108 -13.59 5.09 -2.37
CA HIS F 108 -12.15 4.95 -2.60
C HIS F 108 -11.34 5.67 -1.53
N ASP F 109 -10.08 5.28 -1.43
CA ASP F 109 -9.14 6.07 -0.66
C ASP F 109 -7.95 6.29 -1.60
N ASP F 110 -6.76 6.52 -1.04
CA ASP F 110 -5.55 6.73 -1.84
C ASP F 110 -5.10 5.50 -2.58
N LEU F 111 -5.46 4.33 -2.05
CA LEU F 111 -4.93 3.09 -2.56
C LEU F 111 -5.83 2.42 -3.58
N GLN F 112 -7.12 2.45 -3.34
CA GLN F 112 -8.01 1.63 -4.12
C GLN F 112 -9.44 2.09 -4.02
N ALA F 113 -10.25 1.60 -4.94
CA ALA F 113 -11.67 1.88 -4.92
C ALA F 113 -12.38 0.56 -4.68
N VAL F 114 -13.54 0.64 -4.05
N VAL F 114 -13.55 0.64 -4.04
CA VAL F 114 -14.37 -0.52 -3.79
CA VAL F 114 -14.37 -0.54 -3.79
C VAL F 114 -15.81 -0.19 -4.16
C VAL F 114 -15.80 -0.21 -4.14
N ALA F 115 -16.52 -1.18 -4.67
CA ALA F 115 -17.92 -0.98 -4.93
C ALA F 115 -18.65 -2.23 -4.55
N VAL F 116 -19.86 -2.04 -4.00
CA VAL F 116 -20.70 -3.16 -3.64
C VAL F 116 -22.07 -2.97 -4.28
N ALA F 117 -22.59 -4.04 -4.87
CA ALA F 117 -23.92 -4.00 -5.49
C ALA F 117 -24.81 -5.11 -4.94
N VAL F 118 -26.09 -4.81 -4.79
CA VAL F 118 -27.08 -5.83 -4.45
C VAL F 118 -28.22 -5.85 -5.50
N SER F 119 -28.59 -7.04 -5.96
CA SER F 119 -29.67 -7.17 -6.94
C SER F 119 -30.93 -7.81 -6.34
N THR F 120 -32.09 -7.44 -6.88
CA THR F 120 -33.40 -7.92 -6.44
C THR F 120 -34.10 -8.71 -7.53
N LYS F 121 -34.98 -9.61 -7.12
CA LYS F 121 -35.83 -10.33 -8.06
C LYS F 121 -37.27 -10.52 -7.54
#